data_7TP3
#
_entry.id   7TP3
#
_cell.length_a   72.462
_cell.length_b   88.553
_cell.length_c   131.495
_cell.angle_alpha   90.000
_cell.angle_beta   90.000
_cell.angle_gamma   90.000
#
_symmetry.space_group_name_H-M   'P 21 21 21'
#
loop_
_entity.id
_entity.type
_entity.pdbx_description
1 polymer 'Spike protein S1'
2 polymer 'K288.2 heavy chain'
3 polymer 'K288.2 light chain'
4 non-polymer 'CACODYLATE ION'
5 water water
#
loop_
_entity_poly.entity_id
_entity_poly.type
_entity_poly.pdbx_seq_one_letter_code
_entity_poly.pdbx_strand_id
1 'polypeptide(L)'
;RVQPTESIVRFPNITNLCPFGEVFNATRFASVYAWNRKRISNCVADYSVLYNSASFSTFKCYGVSPTKLNDLCFTNVYAD
SFVIRGDEVRQIAPGQTGKIADYNYKLPDDFTGCVIAWNSNNLDSKVGGNYNYLYRLFRKSNLKPFERDISTEIYQAGST
PCNGVEGFNCYFPLQSYGFQPTNGVGYQPYRVVVLSFELLHAPATVCGPKKSTNLVKNKCVNFSGHHHHHH
;
Z
2 'polypeptide(L)'
;EVRLVESGGGLVKPGGSLRLSCVASGFTFSSYEMHWVRQAPGKGLEWVSVISESGATTHYTDSVKGRFTISRDNAKNSLF
LQMNSLRAEDTAVYYCTRPQSVTVFGVAATSYEAFDFWGQGLRVTVSSASTKGPSVFPLAPSSKSTSGGTAALGCLVKDY
FPEPVTVSWNSGALTSGVHTFPAVLQSSGLYSLSSVVTVPSSSLGTQTYICNVNHKPSNTKVDKRVEPKSC
;
H
3 'polypeptide(L)'
;DIVMTQSPDTLSLSPGETATLSCRASQSVSSYVAWYQQKPEQPPRLLIYGSSSRATGMPDRFSGSGSGTDFTLTISSLEP
DDFAVYYCQQYTNWPLTFGGGTKVEIKRTVAAPSVFIFPPSDEQLKSGTASVVCLLNNFYPREAKVQWKVDNALQSGNSQ
ESVTEQDSKDSTYSLSSTLTLSKADYEKHKVYACEVTHQGLSSPVTKSFNRGECS
;
L
#
# COMPACT_ATOMS: atom_id res chain seq x y z
N ASN A 16 -27.31 -21.27 -27.04
CA ASN A 16 -28.27 -21.59 -26.00
C ASN A 16 -27.67 -21.31 -24.61
N LEU A 17 -27.38 -20.04 -24.35
CA LEU A 17 -26.70 -19.67 -23.11
C LEU A 17 -27.61 -19.86 -21.90
N CYS A 18 -27.01 -20.26 -20.79
CA CYS A 18 -27.72 -20.46 -19.53
C CYS A 18 -27.78 -19.15 -18.75
N PRO A 19 -28.90 -18.87 -18.08
CA PRO A 19 -29.04 -17.60 -17.38
C PRO A 19 -28.23 -17.54 -16.10
N PHE A 20 -26.94 -17.22 -16.21
CA PHE A 20 -26.06 -17.07 -15.05
C PHE A 20 -25.88 -15.62 -14.64
N GLY A 21 -25.76 -14.70 -15.60
CA GLY A 21 -25.74 -13.29 -15.26
C GLY A 21 -27.01 -12.84 -14.57
N GLU A 22 -28.11 -13.54 -14.82
CA GLU A 22 -29.34 -13.30 -14.06
C GLU A 22 -29.10 -13.49 -12.57
N VAL A 23 -28.51 -14.62 -12.20
CA VAL A 23 -28.31 -14.96 -10.78
C VAL A 23 -27.24 -14.07 -10.17
N PHE A 24 -26.08 -13.98 -10.83
CA PHE A 24 -24.93 -13.30 -10.22
C PHE A 24 -25.06 -11.79 -10.26
N ASN A 25 -25.57 -11.23 -11.37
CA ASN A 25 -25.71 -9.78 -11.53
C ASN A 25 -27.13 -9.30 -11.29
N ALA A 26 -27.85 -9.92 -10.36
CA ALA A 26 -29.17 -9.46 -10.00
C ALA A 26 -29.07 -8.23 -9.10
N THR A 27 -30.00 -7.28 -9.28
CA THR A 27 -29.96 -6.04 -8.51
C THR A 27 -30.05 -6.32 -7.01
N ARG A 28 -31.11 -7.00 -6.58
CA ARG A 28 -31.28 -7.35 -5.18
C ARG A 28 -31.16 -8.86 -4.99
N PHE A 29 -30.66 -9.24 -3.82
CA PHE A 29 -30.54 -10.63 -3.42
C PHE A 29 -31.53 -10.93 -2.32
N ALA A 30 -31.81 -12.21 -2.12
CA ALA A 30 -32.81 -12.63 -1.15
C ALA A 30 -32.21 -12.70 0.25
N SER A 31 -33.07 -12.50 1.24
CA SER A 31 -32.70 -12.81 2.62
C SER A 31 -32.45 -14.31 2.75
N VAL A 32 -31.53 -14.67 3.64
CA VAL A 32 -31.09 -16.06 3.72
C VAL A 32 -32.22 -16.98 4.18
N TYR A 33 -33.10 -16.49 5.07
CA TYR A 33 -34.21 -17.33 5.52
C TYR A 33 -35.18 -17.62 4.38
N ALA A 34 -35.35 -16.66 3.46
CA ALA A 34 -36.18 -16.85 2.29
C ALA A 34 -35.31 -16.97 1.05
N TRP A 35 -34.37 -17.90 1.06
CA TRP A 35 -33.38 -17.98 -0.01
C TRP A 35 -34.04 -18.34 -1.34
N ASN A 36 -33.53 -17.75 -2.41
CA ASN A 36 -34.06 -17.96 -3.75
C ASN A 36 -33.43 -19.17 -4.40
N ARG A 37 -34.20 -19.83 -5.27
CA ARG A 37 -33.72 -20.98 -6.03
C ARG A 37 -34.15 -20.82 -7.47
N LYS A 38 -33.17 -20.84 -8.37
CA LYS A 38 -33.43 -20.80 -9.81
C LYS A 38 -33.01 -22.13 -10.43
N ARG A 39 -33.94 -22.77 -11.13
CA ARG A 39 -33.62 -23.99 -11.85
C ARG A 39 -33.04 -23.65 -13.21
N ILE A 40 -31.99 -24.37 -13.59
CA ILE A 40 -31.34 -24.22 -14.88
C ILE A 40 -31.58 -25.50 -15.68
N SER A 41 -32.19 -25.36 -16.85
CA SER A 41 -32.54 -26.52 -17.65
C SER A 41 -32.55 -26.13 -19.12
N ASN A 42 -32.12 -27.07 -19.97
CA ASN A 42 -32.16 -26.95 -21.43
C ASN A 42 -31.41 -25.71 -21.90
N CYS A 43 -30.09 -25.76 -21.70
CA CYS A 43 -29.17 -24.73 -22.16
C CYS A 43 -27.75 -25.23 -21.95
N VAL A 44 -26.81 -24.56 -22.60
CA VAL A 44 -25.39 -24.83 -22.42
C VAL A 44 -24.77 -23.67 -21.66
N ALA A 45 -23.80 -23.99 -20.80
CA ALA A 45 -23.19 -22.99 -19.93
C ALA A 45 -21.69 -23.18 -19.88
N ASP A 46 -20.96 -22.09 -20.05
CA ASP A 46 -19.51 -22.09 -19.86
C ASP A 46 -19.22 -21.75 -18.40
N TYR A 47 -18.56 -22.67 -17.69
CA TYR A 47 -18.24 -22.46 -16.28
C TYR A 47 -16.91 -21.75 -16.10
N SER A 48 -16.11 -21.62 -17.16
CA SER A 48 -14.83 -20.92 -17.09
C SER A 48 -15.01 -19.41 -16.99
N VAL A 49 -16.05 -18.86 -17.60
CA VAL A 49 -16.37 -17.45 -17.43
C VAL A 49 -16.76 -17.13 -16.00
N LEU A 50 -16.90 -18.15 -15.17
CA LEU A 50 -17.12 -18.00 -13.74
C LEU A 50 -15.87 -18.33 -12.94
N TYR A 51 -15.37 -19.58 -13.00
CA TYR A 51 -14.30 -19.99 -12.10
C TYR A 51 -12.94 -19.42 -12.47
N ASN A 52 -12.85 -18.54 -13.46
CA ASN A 52 -11.64 -17.79 -13.76
C ASN A 52 -11.75 -16.32 -13.39
N SER A 53 -12.64 -15.99 -12.46
CA SER A 53 -12.80 -14.62 -11.97
C SER A 53 -12.12 -14.49 -10.61
N ALA A 54 -11.30 -13.45 -10.46
CA ALA A 54 -10.68 -13.15 -9.17
C ALA A 54 -11.60 -12.32 -8.27
N SER A 55 -12.81 -12.03 -8.72
CA SER A 55 -13.74 -11.23 -7.93
C SER A 55 -14.35 -11.99 -6.77
N PHE A 56 -14.27 -13.32 -6.79
CA PHE A 56 -14.92 -14.14 -5.77
C PHE A 56 -13.99 -14.36 -4.58
N SER A 57 -14.54 -14.19 -3.38
CA SER A 57 -13.81 -14.40 -2.15
C SER A 57 -13.85 -15.86 -1.68
N THR A 58 -14.72 -16.68 -2.25
CA THR A 58 -14.85 -18.07 -1.84
C THR A 58 -15.35 -18.88 -3.02
N PHE A 59 -14.69 -20.02 -3.28
CA PHE A 59 -15.05 -20.87 -4.41
C PHE A 59 -14.68 -22.32 -4.13
N LYS A 60 -15.38 -22.95 -3.19
CA LYS A 60 -15.15 -24.36 -2.89
C LYS A 60 -16.14 -25.22 -3.67
N CYS A 61 -15.67 -26.37 -4.13
CA CYS A 61 -16.49 -27.31 -4.87
C CYS A 61 -16.44 -28.67 -4.18
N TYR A 62 -17.48 -29.47 -4.41
CA TYR A 62 -17.66 -30.74 -3.73
C TYR A 62 -18.20 -31.77 -4.72
N GLY A 63 -17.56 -32.94 -4.75
CA GLY A 63 -18.04 -34.01 -5.62
C GLY A 63 -17.84 -33.77 -7.09
N VAL A 64 -17.01 -32.78 -7.45
CA VAL A 64 -16.82 -32.42 -8.85
C VAL A 64 -15.55 -31.58 -8.95
N SER A 65 -14.76 -31.85 -9.98
CA SER A 65 -13.67 -30.95 -10.34
C SER A 65 -14.25 -29.76 -11.09
N PRO A 66 -14.03 -28.53 -10.61
CA PRO A 66 -14.53 -27.36 -11.37
C PRO A 66 -14.10 -27.36 -12.83
N THR A 67 -12.83 -27.67 -13.09
CA THR A 67 -12.34 -27.78 -14.46
C THR A 67 -13.16 -28.77 -15.27
N LYS A 68 -13.51 -29.91 -14.66
CA LYS A 68 -14.28 -30.93 -15.36
C LYS A 68 -15.67 -30.46 -15.75
N LEU A 69 -16.16 -29.37 -15.12
CA LEU A 69 -17.55 -28.98 -15.33
C LEU A 69 -17.84 -28.63 -16.78
N ASN A 70 -16.83 -28.17 -17.52
CA ASN A 70 -17.04 -27.81 -18.92
C ASN A 70 -17.31 -29.02 -19.80
N ASP A 71 -16.88 -30.22 -19.39
CA ASP A 71 -17.09 -31.42 -20.18
C ASP A 71 -18.09 -32.38 -19.56
N LEU A 72 -18.49 -32.18 -18.32
CA LEU A 72 -19.53 -32.99 -17.70
C LEU A 72 -20.89 -32.38 -17.99
N CYS A 73 -21.94 -33.17 -17.79
CA CYS A 73 -23.30 -32.73 -18.09
C CYS A 73 -24.26 -33.35 -17.07
N PHE A 74 -25.31 -32.59 -16.74
CA PHE A 74 -26.19 -32.94 -15.64
C PHE A 74 -27.65 -32.79 -16.06
N THR A 75 -28.54 -33.34 -15.23
CA THR A 75 -29.98 -33.31 -15.47
C THR A 75 -30.50 -31.88 -15.42
N ASN A 76 -30.65 -31.32 -14.22
CA ASN A 76 -30.94 -29.90 -14.07
C ASN A 76 -30.06 -29.35 -12.96
N VAL A 77 -29.75 -28.06 -13.06
CA VAL A 77 -28.87 -27.37 -12.12
C VAL A 77 -29.70 -26.38 -11.31
N TYR A 78 -29.43 -26.32 -10.01
CA TYR A 78 -30.09 -25.39 -9.11
C TYR A 78 -29.10 -24.32 -8.65
N ALA A 79 -29.50 -23.05 -8.75
CA ALA A 79 -28.70 -21.93 -8.29
C ALA A 79 -29.44 -21.24 -7.15
N ASP A 80 -28.95 -21.43 -5.93
CA ASP A 80 -29.51 -20.79 -4.75
C ASP A 80 -28.66 -19.57 -4.39
N SER A 81 -29.33 -18.46 -4.08
CA SER A 81 -28.63 -17.22 -3.76
C SER A 81 -29.30 -16.54 -2.59
N PHE A 82 -28.49 -15.82 -1.82
CA PHE A 82 -28.94 -15.09 -0.63
C PHE A 82 -27.77 -14.24 -0.14
N VAL A 83 -28.01 -13.51 0.94
CA VAL A 83 -27.03 -12.64 1.56
C VAL A 83 -26.85 -13.04 3.01
N ILE A 84 -25.59 -13.18 3.44
CA ILE A 84 -25.22 -13.35 4.84
C ILE A 84 -24.05 -12.42 5.12
N ARG A 85 -23.63 -12.36 6.37
CA ARG A 85 -22.48 -11.56 6.72
C ARG A 85 -21.22 -12.42 6.67
N GLY A 86 -20.08 -11.73 6.53
CA GLY A 86 -18.85 -12.41 6.15
C GLY A 86 -18.50 -13.59 7.03
N ASP A 87 -18.49 -13.39 8.35
CA ASP A 87 -18.11 -14.44 9.29
C ASP A 87 -18.98 -15.69 9.17
N GLU A 88 -20.13 -15.59 8.52
CA GLU A 88 -21.04 -16.72 8.40
C GLU A 88 -20.83 -17.53 7.11
N VAL A 89 -20.00 -17.05 6.19
CA VAL A 89 -19.82 -17.73 4.91
C VAL A 89 -19.26 -19.13 5.11
N ARG A 90 -18.44 -19.32 6.14
CA ARG A 90 -17.89 -20.65 6.40
CA ARG A 90 -17.88 -20.64 6.43
C ARG A 90 -18.96 -21.67 6.76
N GLN A 91 -20.17 -21.21 7.14
CA GLN A 91 -21.24 -22.14 7.48
C GLN A 91 -21.92 -22.73 6.25
N ILE A 92 -21.75 -22.13 5.07
CA ILE A 92 -22.33 -22.67 3.85
C ILE A 92 -21.42 -23.77 3.32
N ALA A 93 -21.51 -24.95 3.93
CA ALA A 93 -20.65 -26.06 3.58
C ALA A 93 -21.28 -27.33 4.15
N PRO A 94 -20.99 -28.50 3.56
CA PRO A 94 -21.60 -29.72 4.07
C PRO A 94 -21.11 -30.05 5.47
N GLY A 95 -22.06 -30.33 6.37
CA GLY A 95 -21.74 -30.75 7.71
C GLY A 95 -21.40 -29.64 8.69
N GLN A 96 -21.79 -28.41 8.40
CA GLN A 96 -21.51 -27.30 9.29
C GLN A 96 -22.65 -27.09 10.28
N THR A 97 -22.33 -26.40 11.37
CA THR A 97 -23.31 -26.00 12.37
C THR A 97 -23.19 -24.49 12.59
N GLY A 98 -24.18 -23.94 13.28
CA GLY A 98 -24.29 -22.52 13.51
C GLY A 98 -25.68 -22.02 13.20
N LYS A 99 -25.89 -20.73 13.46
CA LYS A 99 -27.21 -20.13 13.28
C LYS A 99 -27.68 -20.27 11.83
N ILE A 100 -26.81 -19.94 10.87
CA ILE A 100 -27.21 -19.99 9.46
C ILE A 100 -27.40 -21.43 9.00
N ALA A 101 -26.42 -22.30 9.30
CA ALA A 101 -26.48 -23.68 8.86
C ALA A 101 -27.63 -24.46 9.49
N ASP A 102 -28.14 -24.02 10.63
CA ASP A 102 -29.16 -24.76 11.35
C ASP A 102 -30.56 -24.19 11.17
N TYR A 103 -30.71 -22.87 11.11
CA TYR A 103 -32.03 -22.25 11.06
C TYR A 103 -32.35 -21.58 9.74
N ASN A 104 -31.43 -21.49 8.80
CA ASN A 104 -31.63 -20.66 7.61
C ASN A 104 -31.38 -21.41 6.31
N TYR A 105 -30.21 -22.03 6.16
CA TYR A 105 -29.88 -22.72 4.92
C TYR A 105 -28.88 -23.83 5.24
N LYS A 106 -29.26 -25.08 4.95
CA LYS A 106 -28.44 -26.23 5.28
C LYS A 106 -28.16 -27.04 4.02
N LEU A 107 -26.90 -27.39 3.82
CA LEU A 107 -26.42 -28.25 2.76
C LEU A 107 -26.41 -29.71 3.21
N PRO A 108 -26.71 -30.66 2.33
CA PRO A 108 -26.59 -32.08 2.70
C PRO A 108 -25.13 -32.51 2.72
N ASP A 109 -24.85 -33.55 3.50
CA ASP A 109 -23.48 -34.03 3.64
C ASP A 109 -22.97 -34.64 2.34
N ASP A 110 -23.86 -35.17 1.50
CA ASP A 110 -23.51 -35.69 0.19
C ASP A 110 -23.44 -34.62 -0.90
N PHE A 111 -23.36 -33.35 -0.50
CA PHE A 111 -23.53 -32.26 -1.44
C PHE A 111 -22.56 -32.36 -2.60
N THR A 112 -23.11 -32.32 -3.81
CA THR A 112 -22.32 -32.27 -5.05
C THR A 112 -22.60 -30.93 -5.72
N GLY A 113 -21.63 -30.02 -5.64
CA GLY A 113 -21.82 -28.70 -6.22
C GLY A 113 -20.70 -27.77 -5.80
N CYS A 114 -20.98 -26.47 -5.90
CA CYS A 114 -19.96 -25.45 -5.62
C CYS A 114 -20.61 -24.29 -4.87
N VAL A 115 -19.86 -23.73 -3.92
CA VAL A 115 -20.32 -22.59 -3.12
C VAL A 115 -19.46 -21.39 -3.50
N ILE A 116 -20.11 -20.32 -3.98
CA ILE A 116 -19.44 -19.11 -4.44
C ILE A 116 -19.94 -17.94 -3.60
N ALA A 117 -19.01 -17.09 -3.16
CA ALA A 117 -19.34 -15.97 -2.29
C ALA A 117 -18.38 -14.82 -2.53
N TRP A 118 -18.91 -13.60 -2.50
CA TRP A 118 -18.09 -12.40 -2.67
C TRP A 118 -18.67 -11.27 -1.83
N ASN A 119 -17.78 -10.39 -1.36
CA ASN A 119 -18.20 -9.23 -0.58
C ASN A 119 -19.07 -8.32 -1.42
N SER A 120 -20.13 -7.81 -0.82
CA SER A 120 -21.08 -6.94 -1.50
C SER A 120 -21.40 -5.71 -0.66
N ASN A 121 -20.39 -5.19 0.05
CA ASN A 121 -20.61 -4.00 0.85
C ASN A 121 -21.04 -2.80 0.02
N ASN A 122 -20.61 -2.73 -1.23
CA ASN A 122 -20.95 -1.58 -2.07
C ASN A 122 -22.37 -1.64 -2.60
N LEU A 123 -22.99 -2.82 -2.62
CA LEU A 123 -24.37 -2.98 -3.11
C LEU A 123 -25.38 -3.07 -1.99
N ASP A 124 -25.07 -3.77 -0.90
CA ASP A 124 -26.06 -4.10 0.11
C ASP A 124 -25.93 -3.29 1.38
N SER A 125 -24.92 -2.44 1.50
CA SER A 125 -24.80 -1.56 2.66
C SER A 125 -25.39 -0.19 2.33
N LYS A 126 -25.98 0.44 3.34
CA LYS A 126 -26.63 1.73 3.19
C LYS A 126 -26.32 2.57 4.41
N VAL A 127 -26.09 3.87 4.18
CA VAL A 127 -25.84 4.79 5.29
C VAL A 127 -27.06 4.79 6.22
N GLY A 128 -26.79 4.70 7.52
CA GLY A 128 -27.85 4.51 8.49
C GLY A 128 -28.30 3.07 8.66
N GLY A 129 -27.82 2.16 7.82
CA GLY A 129 -28.14 0.76 7.97
C GLY A 129 -29.17 0.23 6.98
N ASN A 130 -28.84 -0.87 6.31
CA ASN A 130 -29.78 -1.58 5.44
C ASN A 130 -30.39 -2.70 6.27
N TYR A 131 -31.67 -2.58 6.60
CA TYR A 131 -32.37 -3.56 7.42
C TYR A 131 -33.25 -4.50 6.61
N ASN A 132 -33.20 -4.43 5.27
CA ASN A 132 -34.02 -5.27 4.43
C ASN A 132 -33.58 -6.73 4.42
N TYR A 133 -32.39 -7.03 4.92
CA TYR A 133 -31.86 -8.40 4.93
C TYR A 133 -32.08 -9.00 6.30
N LEU A 134 -32.77 -10.13 6.35
CA LEU A 134 -33.12 -10.78 7.60
C LEU A 134 -32.59 -12.21 7.65
N TYR A 135 -32.40 -12.70 8.88
CA TYR A 135 -32.08 -14.08 9.14
C TYR A 135 -32.94 -14.57 10.30
N ARG A 136 -32.98 -15.89 10.46
CA ARG A 136 -33.77 -16.52 11.51
C ARG A 136 -32.89 -16.80 12.72
N LEU A 137 -33.26 -16.25 13.86
CA LEU A 137 -32.51 -16.43 15.10
C LEU A 137 -32.98 -17.65 15.89
N PHE A 138 -34.27 -17.95 15.89
CA PHE A 138 -34.84 -19.01 16.71
C PHE A 138 -35.62 -19.99 15.84
N ARG A 139 -35.53 -21.28 16.18
CA ARG A 139 -36.33 -22.29 15.54
C ARG A 139 -36.40 -23.51 16.46
N LYS A 140 -37.58 -24.12 16.55
CA LYS A 140 -37.77 -25.26 17.44
C LYS A 140 -36.93 -26.46 17.04
N SER A 141 -36.41 -26.50 15.81
CA SER A 141 -35.71 -27.68 15.32
C SER A 141 -34.79 -27.26 14.18
N ASN A 142 -33.81 -28.13 13.91
CA ASN A 142 -32.88 -27.88 12.82
C ASN A 142 -33.56 -28.05 11.47
N LEU A 143 -33.03 -27.35 10.47
CA LEU A 143 -33.55 -27.47 9.11
C LEU A 143 -33.09 -28.78 8.49
N LYS A 144 -33.98 -29.38 7.72
CA LYS A 144 -33.56 -30.41 6.80
C LYS A 144 -32.80 -29.77 5.64
N PRO A 145 -31.92 -30.51 4.98
CA PRO A 145 -31.15 -29.90 3.88
C PRO A 145 -32.06 -29.39 2.78
N PHE A 146 -31.73 -28.21 2.26
CA PHE A 146 -32.47 -27.55 1.19
C PHE A 146 -33.92 -27.25 1.63
N GLU A 147 -34.09 -26.87 2.89
CA GLU A 147 -35.39 -26.48 3.40
C GLU A 147 -35.46 -24.97 3.54
N ARG A 148 -36.58 -24.39 3.15
CA ARG A 148 -36.82 -22.95 3.20
CA ARG A 148 -36.82 -22.95 3.20
C ARG A 148 -37.96 -22.70 4.17
N ASP A 149 -37.64 -22.15 5.34
CA ASP A 149 -38.63 -21.85 6.37
C ASP A 149 -38.89 -20.35 6.36
N ILE A 150 -40.10 -19.95 5.98
CA ILE A 150 -40.49 -18.55 5.94
C ILE A 150 -41.58 -18.25 6.98
N SER A 151 -41.72 -19.12 7.98
CA SER A 151 -42.69 -18.88 9.05
C SER A 151 -42.36 -17.60 9.81
N THR A 152 -43.37 -16.79 10.05
CA THR A 152 -43.23 -15.57 10.85
C THR A 152 -44.00 -15.67 12.18
N GLU A 153 -44.52 -16.83 12.52
CA GLU A 153 -45.18 -16.99 13.80
C GLU A 153 -44.15 -16.87 14.92
N ILE A 154 -44.64 -16.54 16.11
CA ILE A 154 -43.77 -16.09 17.20
C ILE A 154 -43.19 -17.30 17.93
N TYR A 155 -41.89 -17.20 18.21
CA TYR A 155 -41.18 -18.24 18.95
C TYR A 155 -41.62 -18.25 20.40
N GLN A 156 -41.81 -19.45 20.95
CA GLN A 156 -42.20 -19.63 22.35
C GLN A 156 -40.99 -20.19 23.09
N ALA A 157 -40.20 -19.31 23.68
CA ALA A 157 -39.00 -19.71 24.41
C ALA A 157 -39.29 -20.14 25.84
N GLY A 158 -40.51 -19.90 26.33
CA GLY A 158 -40.88 -20.32 27.66
C GLY A 158 -42.02 -21.32 27.65
N SER A 159 -42.94 -21.19 28.60
CA SER A 159 -44.12 -22.05 28.68
C SER A 159 -45.40 -21.31 28.33
N THR A 160 -45.33 -20.02 28.05
CA THR A 160 -46.50 -19.17 27.84
C THR A 160 -47.03 -19.29 26.41
N PRO A 161 -48.35 -19.13 26.23
CA PRO A 161 -48.89 -18.93 24.89
C PRO A 161 -48.92 -17.45 24.51
N CYS A 162 -48.15 -17.07 23.49
CA CYS A 162 -47.95 -15.67 23.17
C CYS A 162 -49.17 -15.00 22.55
N ASN A 163 -50.13 -15.77 22.05
CA ASN A 163 -51.37 -15.22 21.48
C ASN A 163 -51.08 -14.23 20.34
N GLY A 164 -49.99 -14.44 19.62
CA GLY A 164 -49.66 -13.61 18.48
C GLY A 164 -49.00 -12.28 18.80
N VAL A 165 -48.54 -12.09 20.03
CA VAL A 165 -47.79 -10.88 20.41
C VAL A 165 -46.54 -11.31 21.14
N GLU A 166 -45.52 -10.46 21.07
CA GLU A 166 -44.22 -10.76 21.68
C GLU A 166 -44.12 -10.18 23.08
N GLY A 167 -43.53 -10.96 23.98
CA GLY A 167 -43.34 -10.54 25.36
C GLY A 167 -42.18 -11.28 25.99
N PHE A 168 -42.30 -11.59 27.27
CA PHE A 168 -41.26 -12.33 27.98
C PHE A 168 -41.11 -13.73 27.39
N ASN A 169 -39.92 -14.03 26.88
CA ASN A 169 -39.62 -15.31 26.23
C ASN A 169 -40.61 -15.62 25.10
N CYS A 170 -41.17 -14.57 24.51
CA CYS A 170 -41.99 -14.66 23.30
C CYS A 170 -41.34 -13.76 22.27
N TYR A 171 -40.57 -14.36 21.36
CA TYR A 171 -39.68 -13.63 20.46
C TYR A 171 -40.16 -13.75 19.03
N PHE A 172 -40.17 -12.63 18.31
CA PHE A 172 -40.29 -12.68 16.87
C PHE A 172 -39.05 -13.37 16.31
N PRO A 173 -39.20 -14.41 15.49
CA PRO A 173 -38.05 -15.27 15.19
C PRO A 173 -37.06 -14.70 14.19
N LEU A 174 -37.46 -13.75 13.35
CA LEU A 174 -36.58 -13.16 12.35
C LEU A 174 -35.91 -11.91 12.89
N GLN A 175 -34.66 -11.70 12.50
CA GLN A 175 -33.92 -10.52 12.91
C GLN A 175 -33.17 -9.96 11.70
N SER A 176 -32.91 -8.67 11.74
CA SER A 176 -32.35 -7.95 10.60
C SER A 176 -30.86 -7.73 10.80
N TYR A 177 -30.10 -7.87 9.71
CA TYR A 177 -28.74 -7.37 9.69
C TYR A 177 -28.76 -5.85 9.61
N GLY A 178 -27.86 -5.21 10.34
CA GLY A 178 -27.73 -3.77 10.22
C GLY A 178 -26.58 -3.36 9.32
N PHE A 179 -26.61 -3.76 8.05
CA PHE A 179 -25.48 -3.58 7.16
C PHE A 179 -25.21 -2.10 6.90
N GLN A 180 -24.11 -1.59 7.47
CA GLN A 180 -23.62 -0.23 7.26
C GLN A 180 -22.31 -0.27 6.48
N PRO A 181 -21.96 0.81 5.77
CA PRO A 181 -20.69 0.80 5.03
C PRO A 181 -19.47 0.71 5.92
N THR A 182 -19.56 1.15 7.17
CA THR A 182 -18.42 1.13 8.09
C THR A 182 -18.34 -0.13 8.95
N ASN A 183 -19.23 -1.09 8.74
CA ASN A 183 -19.17 -2.33 9.50
C ASN A 183 -17.83 -3.02 9.28
N GLY A 184 -17.35 -3.70 10.33
CA GLY A 184 -16.19 -4.54 10.17
C GLY A 184 -16.43 -5.57 9.09
N VAL A 185 -15.36 -6.01 8.40
CA VAL A 185 -15.53 -6.86 7.24
C VAL A 185 -16.25 -8.15 7.60
N GLY A 186 -16.08 -8.64 8.83
CA GLY A 186 -16.79 -9.82 9.27
C GLY A 186 -18.28 -9.64 9.45
N TYR A 187 -18.74 -8.38 9.51
CA TYR A 187 -20.17 -8.08 9.64
C TYR A 187 -20.73 -7.44 8.37
N GLN A 188 -19.97 -7.43 7.28
CA GLN A 188 -20.38 -6.84 6.01
C GLN A 188 -21.18 -7.86 5.19
N PRO A 189 -22.06 -7.40 4.30
CA PRO A 189 -22.87 -8.34 3.54
C PRO A 189 -22.05 -9.08 2.50
N TYR A 190 -22.36 -10.37 2.34
CA TYR A 190 -21.72 -11.21 1.33
C TYR A 190 -22.81 -11.89 0.52
N ARG A 191 -22.69 -11.82 -0.80
CA ARG A 191 -23.61 -12.52 -1.67
C ARG A 191 -23.10 -13.93 -1.94
N VAL A 192 -23.99 -14.91 -1.81
CA VAL A 192 -23.65 -16.32 -1.91
C VAL A 192 -24.49 -16.94 -3.01
N VAL A 193 -23.84 -17.77 -3.84
CA VAL A 193 -24.54 -18.57 -4.85
C VAL A 193 -24.10 -20.02 -4.69
N VAL A 194 -25.08 -20.92 -4.61
CA VAL A 194 -24.81 -22.34 -4.43
C VAL A 194 -25.36 -23.08 -5.64
N LEU A 195 -24.47 -23.73 -6.39
CA LEU A 195 -24.83 -24.51 -7.56
C LEU A 195 -24.93 -25.97 -7.17
N SER A 196 -26.10 -26.56 -7.38
CA SER A 196 -26.35 -27.98 -7.10
C SER A 196 -26.47 -28.73 -8.42
N PHE A 197 -25.76 -29.85 -8.53
CA PHE A 197 -25.77 -30.68 -9.72
C PHE A 197 -26.32 -32.05 -9.35
N GLU A 198 -27.40 -32.45 -10.02
CA GLU A 198 -28.00 -33.76 -9.83
C GLU A 198 -28.04 -34.52 -11.14
N LEU A 199 -27.87 -35.84 -11.05
CA LEU A 199 -27.91 -36.75 -12.20
C LEU A 199 -28.94 -37.83 -11.91
N LEU A 200 -30.21 -37.55 -12.22
CA LEU A 200 -31.25 -38.56 -12.10
C LEU A 200 -31.22 -39.48 -13.33
N HIS A 201 -32.22 -40.32 -13.47
CA HIS A 201 -32.34 -41.19 -14.64
C HIS A 201 -33.03 -40.50 -15.82
N ALA A 202 -33.56 -39.28 -15.63
CA ALA A 202 -34.18 -38.43 -16.64
C ALA A 202 -33.11 -37.89 -17.57
N PRO A 203 -33.46 -37.41 -18.77
CA PRO A 203 -32.40 -37.00 -19.70
C PRO A 203 -31.73 -35.72 -19.24
N ALA A 204 -30.43 -35.61 -19.52
CA ALA A 204 -29.62 -34.49 -19.08
C ALA A 204 -29.74 -33.36 -20.10
N THR A 205 -29.89 -32.14 -19.60
CA THR A 205 -30.18 -30.99 -20.44
C THR A 205 -29.29 -29.78 -20.15
N VAL A 206 -28.29 -29.91 -19.28
CA VAL A 206 -27.38 -28.82 -18.94
C VAL A 206 -25.96 -29.34 -19.04
N CYS A 207 -25.23 -28.94 -20.10
CA CYS A 207 -23.85 -29.35 -20.29
C CYS A 207 -23.04 -28.17 -20.80
N GLY A 208 -21.73 -28.35 -20.85
CA GLY A 208 -20.84 -27.33 -21.36
C GLY A 208 -20.75 -27.33 -22.88
N PRO A 209 -19.65 -26.80 -23.42
CA PRO A 209 -19.43 -26.76 -24.88
C PRO A 209 -19.44 -28.13 -25.53
N GLU B 1 0.28 1.02 27.14
CA GLU B 1 0.23 1.79 25.91
C GLU B 1 0.09 0.88 24.69
N VAL B 2 -0.65 1.36 23.69
CA VAL B 2 -0.87 0.58 22.47
C VAL B 2 0.44 0.41 21.74
N ARG B 3 0.75 -0.83 21.36
CA ARG B 3 2.02 -1.14 20.71
C ARG B 3 1.81 -2.28 19.74
N LEU B 4 2.49 -2.19 18.59
CA LEU B 4 2.45 -3.21 17.55
C LEU B 4 3.89 -3.47 17.11
N VAL B 5 4.52 -4.49 17.68
CA VAL B 5 5.90 -4.81 17.35
C VAL B 5 5.91 -5.77 16.16
N GLU B 6 6.62 -5.37 15.10
CA GLU B 6 6.66 -6.13 13.86
C GLU B 6 7.99 -6.85 13.72
N SER B 7 7.97 -7.95 12.98
CA SER B 7 9.17 -8.76 12.79
C SER B 7 8.99 -9.63 11.56
N GLY B 8 10.12 -10.14 11.05
CA GLY B 8 10.08 -11.13 10.01
C GLY B 8 10.22 -10.64 8.59
N GLY B 9 10.74 -9.44 8.38
CA GLY B 9 10.94 -8.91 7.04
C GLY B 9 12.31 -9.25 6.51
N GLY B 10 12.73 -8.48 5.50
CA GLY B 10 14.10 -8.54 5.03
C GLY B 10 14.19 -8.85 3.55
N LEU B 11 15.23 -9.60 3.19
CA LEU B 11 15.64 -9.83 1.81
C LEU B 11 15.06 -11.13 1.28
N VAL B 12 14.65 -11.12 0.02
CA VAL B 12 14.13 -12.32 -0.63
C VAL B 12 14.38 -12.19 -2.12
N LYS B 13 14.49 -13.34 -2.80
CA LYS B 13 14.63 -13.37 -4.24
C LYS B 13 13.28 -13.59 -4.90
N PRO B 14 13.14 -13.19 -6.17
CA PRO B 14 11.84 -13.35 -6.84
C PRO B 14 11.40 -14.80 -6.85
N GLY B 15 10.14 -15.02 -6.44
CA GLY B 15 9.64 -16.36 -6.22
C GLY B 15 9.84 -16.86 -4.82
N GLY B 16 10.55 -16.14 -3.97
CA GLY B 16 10.71 -16.50 -2.58
C GLY B 16 9.46 -16.22 -1.76
N SER B 17 9.60 -16.40 -0.45
CA SER B 17 8.49 -16.28 0.47
C SER B 17 8.96 -15.67 1.78
N LEU B 18 8.04 -15.00 2.46
CA LEU B 18 8.29 -14.40 3.77
C LEU B 18 7.07 -14.61 4.65
N ARG B 19 7.25 -14.44 5.95
CA ARG B 19 6.14 -14.39 6.90
C ARG B 19 6.37 -13.22 7.84
N LEU B 20 5.53 -12.19 7.70
CA LEU B 20 5.59 -11.05 8.61
C LEU B 20 4.72 -11.32 9.83
N SER B 21 5.23 -10.94 11.00
CA SER B 21 4.53 -11.10 12.26
C SER B 21 4.38 -9.74 12.93
N CYS B 22 3.30 -9.59 13.69
CA CYS B 22 3.01 -8.34 14.38
C CYS B 22 2.33 -8.70 15.70
N VAL B 23 3.02 -8.47 16.81
CA VAL B 23 2.51 -8.75 18.15
C VAL B 23 1.95 -7.46 18.72
N ALA B 24 0.70 -7.53 19.19
CA ALA B 24 -0.01 -6.38 19.73
C ALA B 24 0.03 -6.39 21.24
N SER B 25 -0.05 -5.20 21.84
CA SER B 25 -0.09 -5.07 23.28
C SER B 25 -0.74 -3.73 23.65
N GLY B 26 -1.28 -3.68 24.87
CA GLY B 26 -1.91 -2.46 25.35
C GLY B 26 -3.38 -2.30 25.00
N PHE B 27 -4.00 -3.29 24.36
CA PHE B 27 -5.41 -3.24 24.03
C PHE B 27 -5.91 -4.65 23.79
N THR B 28 -7.23 -4.79 23.73
CA THR B 28 -7.85 -6.11 23.55
C THR B 28 -7.74 -6.49 22.08
N PHE B 29 -6.74 -7.31 21.76
CA PHE B 29 -6.45 -7.66 20.37
C PHE B 29 -7.62 -8.36 19.71
N SER B 30 -8.33 -9.22 20.45
CA SER B 30 -9.37 -10.05 19.86
C SER B 30 -10.63 -9.26 19.50
N SER B 31 -10.74 -8.00 19.92
CA SER B 31 -11.90 -7.19 19.60
C SER B 31 -11.73 -6.34 18.35
N TYR B 32 -10.55 -6.36 17.73
CA TYR B 32 -10.24 -5.50 16.60
C TYR B 32 -10.03 -6.33 15.34
N GLU B 33 -10.71 -5.94 14.26
CA GLU B 33 -10.24 -6.34 12.95
C GLU B 33 -8.90 -5.63 12.68
N MET B 34 -8.06 -6.25 11.84
CA MET B 34 -6.71 -5.71 11.66
C MET B 34 -6.36 -5.72 10.18
N HIS B 35 -5.44 -4.83 9.80
CA HIS B 35 -5.08 -4.65 8.40
C HIS B 35 -3.57 -4.69 8.22
N TRP B 36 -3.16 -4.96 7.00
CA TRP B 36 -1.80 -4.71 6.51
C TRP B 36 -1.87 -3.70 5.38
N VAL B 37 -1.05 -2.65 5.48
CA VAL B 37 -0.88 -1.63 4.46
C VAL B 37 0.60 -1.62 4.07
N ARG B 38 0.91 -1.20 2.86
CA ARG B 38 2.30 -1.14 2.42
C ARG B 38 2.59 0.14 1.67
N GLN B 39 3.88 0.48 1.60
CA GLN B 39 4.34 1.71 0.96
C GLN B 39 5.64 1.40 0.23
N ALA B 40 5.59 1.41 -1.11
CA ALA B 40 6.77 1.17 -1.91
C ALA B 40 7.74 2.34 -1.77
N PRO B 41 9.03 2.13 -2.04
CA PRO B 41 9.99 3.23 -1.90
C PRO B 41 9.67 4.38 -2.85
N GLY B 42 9.58 5.58 -2.27
CA GLY B 42 9.25 6.77 -3.02
C GLY B 42 7.82 6.88 -3.49
N LYS B 43 6.97 5.90 -3.17
CA LYS B 43 5.58 5.85 -3.62
C LYS B 43 4.65 6.16 -2.46
N GLY B 44 3.35 6.06 -2.72
CA GLY B 44 2.33 6.28 -1.71
C GLY B 44 1.91 5.00 -1.03
N LEU B 45 0.79 5.08 -0.31
CA LEU B 45 0.30 3.99 0.50
C LEU B 45 -0.67 3.12 -0.29
N GLU B 46 -0.52 1.81 -0.14
CA GLU B 46 -1.40 0.83 -0.77
C GLU B 46 -1.93 -0.12 0.30
N TRP B 47 -3.25 -0.24 0.38
CA TRP B 47 -3.85 -1.19 1.29
C TRP B 47 -3.64 -2.61 0.76
N VAL B 48 -3.39 -3.55 1.69
CA VAL B 48 -3.05 -4.90 1.28
C VAL B 48 -4.11 -5.89 1.74
N SER B 49 -4.36 -5.95 3.04
CA SER B 49 -5.16 -7.06 3.55
C SER B 49 -5.92 -6.66 4.81
N VAL B 50 -7.04 -7.34 5.05
CA VAL B 50 -7.84 -7.15 6.26
C VAL B 50 -8.33 -8.51 6.75
N ILE B 51 -8.36 -8.67 8.08
CA ILE B 51 -8.91 -9.85 8.74
C ILE B 51 -9.85 -9.42 9.86
N SER B 52 -10.98 -10.11 9.98
CA SER B 52 -11.98 -9.80 11.00
C SER B 52 -11.48 -10.19 12.39
N GLU B 53 -12.25 -9.78 13.40
CA GLU B 53 -11.86 -10.04 14.79
C GLU B 53 -11.71 -11.53 15.05
N SER B 54 -12.66 -12.33 14.57
CA SER B 54 -12.60 -13.77 14.76
C SER B 54 -11.63 -14.45 13.81
N GLY B 55 -11.27 -13.81 12.70
CA GLY B 55 -10.45 -14.45 11.70
C GLY B 55 -11.22 -15.26 10.67
N ALA B 56 -12.56 -15.30 10.77
CA ALA B 56 -13.35 -16.07 9.83
C ALA B 56 -13.44 -15.40 8.46
N THR B 57 -13.24 -14.09 8.40
CA THR B 57 -13.36 -13.35 7.14
C THR B 57 -12.02 -12.67 6.82
N THR B 58 -11.56 -12.84 5.59
CA THR B 58 -10.35 -12.19 5.10
C THR B 58 -10.64 -11.53 3.77
N HIS B 59 -9.91 -10.44 3.50
CA HIS B 59 -10.06 -9.76 2.21
C HIS B 59 -8.71 -9.18 1.79
N TYR B 60 -8.46 -9.20 0.48
CA TYR B 60 -7.17 -8.83 -0.08
C TYR B 60 -7.36 -7.90 -1.27
N THR B 61 -6.34 -7.09 -1.54
CA THR B 61 -6.29 -6.38 -2.81
C THR B 61 -6.00 -7.38 -3.92
N ASP B 62 -6.42 -7.01 -5.14
CA ASP B 62 -6.39 -7.94 -6.27
CA ASP B 62 -6.40 -7.98 -6.23
C ASP B 62 -4.98 -8.42 -6.59
N SER B 63 -3.99 -7.52 -6.49
CA SER B 63 -2.63 -7.86 -6.89
C SER B 63 -1.95 -8.85 -5.96
N VAL B 64 -2.53 -9.16 -4.80
CA VAL B 64 -1.95 -10.12 -3.88
C VAL B 64 -2.86 -11.30 -3.60
N LYS B 65 -4.09 -11.29 -4.11
CA LYS B 65 -5.03 -12.37 -3.85
C LYS B 65 -4.51 -13.68 -4.42
N GLY B 66 -4.51 -14.72 -3.59
CA GLY B 66 -3.98 -16.01 -3.98
C GLY B 66 -2.51 -16.22 -3.69
N ARG B 67 -1.76 -15.15 -3.44
CA ARG B 67 -0.36 -15.23 -3.05
C ARG B 67 -0.13 -14.93 -1.58
N PHE B 68 -0.85 -13.95 -1.04
CA PHE B 68 -0.72 -13.54 0.35
C PHE B 68 -1.86 -14.12 1.17
N THR B 69 -1.57 -14.44 2.42
CA THR B 69 -2.57 -14.92 3.36
C THR B 69 -2.41 -14.19 4.68
N ILE B 70 -3.44 -13.49 5.09
CA ILE B 70 -3.46 -12.85 6.41
C ILE B 70 -4.09 -13.82 7.39
N SER B 71 -3.53 -13.87 8.60
CA SER B 71 -4.07 -14.73 9.64
C SER B 71 -3.77 -14.10 10.99
N ARG B 72 -4.33 -14.69 12.05
CA ARG B 72 -4.14 -14.17 13.39
C ARG B 72 -4.25 -15.30 14.41
N ASP B 73 -3.49 -15.16 15.50
CA ASP B 73 -3.60 -16.02 16.67
C ASP B 73 -4.01 -15.10 17.82
N ASN B 74 -5.30 -15.13 18.16
CA ASN B 74 -5.81 -14.24 19.19
C ASN B 74 -5.32 -14.63 20.58
N ALA B 75 -5.03 -15.91 20.80
CA ALA B 75 -4.46 -16.36 22.06
C ALA B 75 -3.06 -15.81 22.27
N LYS B 76 -2.35 -15.45 21.21
CA LYS B 76 -1.00 -14.94 21.31
C LYS B 76 -0.89 -13.49 20.86
N ASN B 77 -2.02 -12.80 20.70
CA ASN B 77 -2.07 -11.40 20.28
C ASN B 77 -1.24 -11.15 19.03
N SER B 78 -1.38 -12.03 18.05
CA SER B 78 -0.47 -12.04 16.91
C SER B 78 -1.22 -11.94 15.60
N LEU B 79 -0.67 -11.16 14.67
CA LEU B 79 -1.15 -11.01 13.31
C LEU B 79 -0.02 -11.43 12.36
N PHE B 80 -0.38 -12.12 11.29
CA PHE B 80 0.61 -12.63 10.34
C PHE B 80 0.20 -12.34 8.92
N LEU B 81 1.21 -12.08 8.08
CA LEU B 81 1.04 -11.99 6.63
C LEU B 81 2.04 -12.95 5.99
N GLN B 82 1.52 -14.02 5.38
CA GLN B 82 2.35 -14.99 4.68
C GLN B 82 2.37 -14.64 3.20
N MET B 83 3.57 -14.40 2.67
CA MET B 83 3.76 -13.91 1.31
C MET B 83 4.49 -14.96 0.51
N ASN B 84 3.82 -15.48 -0.52
CA ASN B 84 4.39 -16.51 -1.39
C ASN B 84 4.58 -15.97 -2.80
N SER B 85 5.48 -16.62 -3.54
CA SER B 85 5.85 -16.26 -4.91
C SER B 85 6.01 -14.74 -5.05
N LEU B 86 6.89 -14.20 -4.22
CA LEU B 86 7.06 -12.76 -4.14
C LEU B 86 7.59 -12.20 -5.46
N ARG B 87 7.16 -10.98 -5.77
CA ARG B 87 7.55 -10.30 -6.99
C ARG B 87 8.30 -9.03 -6.65
N ALA B 88 9.01 -8.48 -7.64
CA ALA B 88 9.80 -7.28 -7.44
C ALA B 88 8.93 -6.11 -6.97
N GLU B 89 7.71 -6.01 -7.49
CA GLU B 89 6.80 -4.95 -7.11
C GLU B 89 6.21 -5.12 -5.71
N ASP B 90 6.53 -6.21 -5.01
CA ASP B 90 6.12 -6.36 -3.62
C ASP B 90 7.10 -5.69 -2.65
N THR B 91 8.20 -5.12 -3.15
CA THR B 91 9.16 -4.43 -2.30
C THR B 91 8.52 -3.19 -1.68
N ALA B 92 8.54 -3.11 -0.35
CA ALA B 92 7.88 -1.99 0.32
C ALA B 92 8.16 -2.05 1.81
N VAL B 93 7.77 -0.98 2.50
CA VAL B 93 7.64 -0.99 3.96
C VAL B 93 6.22 -1.42 4.30
N TYR B 94 6.10 -2.43 5.16
CA TYR B 94 4.82 -3.03 5.52
C TYR B 94 4.44 -2.63 6.94
N TYR B 95 3.22 -2.13 7.10
CA TYR B 95 2.67 -1.73 8.39
C TYR B 95 1.50 -2.63 8.74
N CYS B 96 1.51 -3.18 9.96
CA CYS B 96 0.27 -3.67 10.55
C CYS B 96 -0.49 -2.49 11.13
N THR B 97 -1.79 -2.43 10.87
CA THR B 97 -2.57 -1.23 11.15
C THR B 97 -3.85 -1.60 11.89
N ARG B 98 -4.10 -0.87 12.98
CA ARG B 98 -5.32 -1.00 13.76
C ARG B 98 -6.30 0.09 13.35
N PRO B 99 -7.47 -0.29 12.83
CA PRO B 99 -8.51 0.69 12.53
C PRO B 99 -9.17 1.20 13.79
N GLN B 100 -9.77 2.39 13.67
CA GLN B 100 -10.37 3.07 14.81
C GLN B 100 -11.80 2.58 15.01
N SER B 101 -12.06 1.98 16.17
CA SER B 101 -13.40 1.48 16.48
C SER B 101 -14.34 2.64 16.80
N VAL B 102 -15.53 2.62 16.20
CA VAL B 102 -16.60 3.55 16.52
C VAL B 102 -17.86 2.82 16.96
N THR B 103 -17.75 1.54 17.30
CA THR B 103 -18.89 0.77 17.79
C THR B 103 -19.48 1.42 19.03
N VAL B 104 -20.75 1.78 18.97
CA VAL B 104 -21.41 2.51 20.05
C VAL B 104 -22.07 1.51 21.02
N PHE B 105 -21.66 1.57 22.28
CA PHE B 105 -22.29 0.84 23.39
C PHE B 105 -22.25 -0.66 23.06
N GLY B 106 -23.35 -1.39 23.22
CA GLY B 106 -23.35 -2.83 23.01
C GLY B 106 -24.15 -3.28 21.81
N VAL B 107 -23.86 -2.73 20.64
CA VAL B 107 -24.38 -3.29 19.40
C VAL B 107 -23.51 -4.48 19.00
N ALA B 108 -24.14 -5.47 18.35
CA ALA B 108 -23.42 -6.70 18.04
C ALA B 108 -22.34 -6.47 16.99
N ALA B 109 -22.66 -5.73 15.94
CA ALA B 109 -21.73 -5.53 14.83
C ALA B 109 -20.73 -4.42 15.16
N THR B 110 -19.45 -4.68 14.87
CA THR B 110 -18.41 -3.68 15.04
C THR B 110 -18.42 -2.70 13.87
N SER B 111 -17.90 -1.50 14.13
CA SER B 111 -17.80 -0.46 13.12
C SER B 111 -16.46 0.24 13.27
N TYR B 112 -15.85 0.60 12.13
CA TYR B 112 -14.52 1.18 12.12
C TYR B 112 -14.49 2.36 11.16
N GLU B 113 -13.63 3.33 11.46
CA GLU B 113 -13.44 4.50 10.61
C GLU B 113 -11.96 4.88 10.63
N ALA B 114 -11.28 4.69 9.49
CA ALA B 114 -9.88 5.04 9.31
C ALA B 114 -8.95 4.20 10.17
N PHE B 115 -7.64 4.48 10.10
CA PHE B 115 -6.61 3.76 10.82
C PHE B 115 -6.09 4.65 11.94
N ASP B 116 -6.29 4.23 13.20
CA ASP B 116 -5.82 5.03 14.31
C ASP B 116 -4.48 4.59 14.86
N PHE B 117 -3.99 3.39 14.52
CA PHE B 117 -2.64 3.09 15.00
C PHE B 117 -1.87 2.31 13.94
N TRP B 118 -0.58 2.63 13.82
CA TRP B 118 0.31 1.98 12.86
C TRP B 118 1.56 1.49 13.58
N GLY B 119 2.05 0.33 13.16
CA GLY B 119 3.36 -0.12 13.58
C GLY B 119 4.45 0.71 12.91
N GLN B 120 5.70 0.45 13.33
CA GLN B 120 6.81 1.21 12.79
C GLN B 120 7.17 0.82 11.36
N GLY B 121 6.86 -0.39 10.95
CA GLY B 121 7.08 -0.80 9.57
C GLY B 121 8.23 -1.79 9.44
N LEU B 122 8.06 -2.76 8.53
CA LEU B 122 9.09 -3.73 8.19
C LEU B 122 9.50 -3.55 6.74
N ARG B 123 10.80 -3.46 6.49
CA ARG B 123 11.29 -3.38 5.13
CA ARG B 123 11.31 -3.39 5.13
C ARG B 123 11.31 -4.77 4.50
N VAL B 124 10.73 -4.88 3.31
CA VAL B 124 10.71 -6.11 2.53
C VAL B 124 11.28 -5.79 1.15
N THR B 125 12.40 -6.44 0.82
CA THR B 125 13.11 -6.17 -0.43
C THR B 125 13.16 -7.45 -1.25
N VAL B 126 12.51 -7.43 -2.40
CA VAL B 126 12.45 -8.56 -3.32
C VAL B 126 13.33 -8.21 -4.51
N SER B 127 14.48 -8.85 -4.63
CA SER B 127 15.42 -8.49 -5.68
C SER B 127 16.29 -9.69 -6.05
N SER B 128 16.70 -9.72 -7.32
CA SER B 128 17.64 -10.73 -7.78
C SER B 128 19.04 -10.50 -7.19
N ALA B 129 19.36 -9.26 -6.83
CA ALA B 129 20.67 -8.94 -6.29
C ALA B 129 20.88 -9.61 -4.93
N SER B 130 22.14 -9.73 -4.54
CA SER B 130 22.52 -10.32 -3.27
C SER B 130 23.35 -9.32 -2.47
N THR B 131 23.41 -9.55 -1.17
CA THR B 131 24.12 -8.63 -0.27
C THR B 131 25.56 -8.46 -0.70
N LYS B 132 26.01 -7.20 -0.78
CA LYS B 132 27.33 -6.88 -1.30
C LYS B 132 27.79 -5.56 -0.71
N GLY B 133 29.07 -5.50 -0.35
CA GLY B 133 29.65 -4.27 0.16
C GLY B 133 29.92 -3.28 -0.95
N PRO B 134 30.14 -2.03 -0.55
CA PRO B 134 30.32 -0.95 -1.52
C PRO B 134 31.76 -0.66 -1.89
N SER B 135 31.94 -0.13 -3.08
CA SER B 135 33.21 0.47 -3.49
C SER B 135 33.15 1.97 -3.25
N VAL B 136 34.24 2.55 -2.77
CA VAL B 136 34.29 3.95 -2.38
C VAL B 136 35.31 4.64 -3.27
N PHE B 137 34.89 5.70 -3.95
CA PHE B 137 35.76 6.42 -4.85
C PHE B 137 35.76 7.90 -4.50
N PRO B 138 36.89 8.59 -4.66
CA PRO B 138 36.92 10.03 -4.36
C PRO B 138 36.31 10.86 -5.48
N LEU B 139 35.55 11.88 -5.09
CA LEU B 139 35.13 12.96 -5.97
C LEU B 139 36.08 14.10 -5.66
N ALA B 140 37.19 14.16 -6.42
CA ALA B 140 38.35 14.99 -6.14
C ALA B 140 38.05 16.46 -6.40
N PRO B 141 38.44 17.35 -5.50
CA PRO B 141 38.30 18.78 -5.76
C PRO B 141 39.31 19.24 -6.79
N SER B 142 38.85 20.12 -7.70
CA SER B 142 39.68 20.66 -8.75
C SER B 142 39.11 22.02 -9.14
N SER B 143 39.77 22.65 -10.12
CA SER B 143 39.27 23.93 -10.62
C SER B 143 37.87 23.81 -11.20
N LYS B 144 37.47 22.60 -11.59
CA LYS B 144 36.14 22.36 -12.13
C LYS B 144 35.10 22.14 -11.05
N SER B 145 35.52 22.04 -9.78
CA SER B 145 34.62 21.94 -8.64
C SER B 145 34.77 23.17 -7.75
N THR B 146 34.96 24.33 -8.37
CA THR B 146 35.03 25.61 -7.66
C THR B 146 34.04 26.60 -8.27
N SER B 147 33.40 27.38 -7.40
CA SER B 147 32.62 28.55 -7.78
C SER B 147 33.23 29.72 -6.99
N GLY B 148 34.18 30.41 -7.59
CA GLY B 148 34.95 31.39 -6.84
C GLY B 148 35.86 30.67 -5.86
N GLY B 149 35.91 31.19 -4.64
CA GLY B 149 36.66 30.58 -3.55
C GLY B 149 35.97 29.40 -2.89
N THR B 150 34.84 28.93 -3.42
CA THR B 150 34.15 27.76 -2.88
C THR B 150 34.63 26.52 -3.62
N ALA B 151 35.16 25.54 -2.89
CA ALA B 151 35.51 24.26 -3.47
C ALA B 151 34.51 23.20 -3.00
N ALA B 152 34.27 22.22 -3.86
CA ALA B 152 33.40 21.10 -3.52
C ALA B 152 34.15 19.80 -3.71
N LEU B 153 34.05 18.91 -2.73
CA LEU B 153 34.67 17.59 -2.83
C LEU B 153 33.72 16.55 -2.25
N GLY B 154 34.05 15.28 -2.41
CA GLY B 154 33.17 14.26 -1.88
C GLY B 154 33.68 12.86 -2.11
N CYS B 155 32.78 11.90 -1.92
CA CYS B 155 33.06 10.53 -2.30
C CYS B 155 31.79 9.83 -2.75
N LEU B 156 31.97 8.87 -3.64
CA LEU B 156 30.92 8.13 -4.32
C LEU B 156 30.93 6.69 -3.80
N VAL B 157 29.80 6.25 -3.28
CA VAL B 157 29.62 4.92 -2.71
C VAL B 157 28.78 4.12 -3.70
N LYS B 158 29.41 3.16 -4.38
CA LYS B 158 28.85 2.51 -5.56
C LYS B 158 28.69 1.00 -5.31
N ASP B 159 27.61 0.45 -5.87
CA ASP B 159 27.43 -0.99 -6.03
C ASP B 159 27.39 -1.71 -4.69
N TYR B 160 26.37 -1.36 -3.89
CA TYR B 160 26.14 -2.03 -2.62
C TYR B 160 24.69 -2.49 -2.53
N PHE B 161 24.44 -3.42 -1.61
CA PHE B 161 23.13 -4.01 -1.41
C PHE B 161 23.13 -4.79 -0.09
N PRO B 162 22.06 -4.68 0.71
CA PRO B 162 20.93 -3.78 0.46
C PRO B 162 21.19 -2.40 1.06
N GLU B 163 20.13 -1.60 1.18
CA GLU B 163 20.23 -0.35 1.91
C GLU B 163 20.31 -0.65 3.41
N PRO B 164 20.91 0.27 4.20
CA PRO B 164 21.56 1.51 3.78
C PRO B 164 23.05 1.56 4.09
N VAL B 165 23.67 2.70 3.82
CA VAL B 165 25.01 3.02 4.27
C VAL B 165 24.96 4.31 5.06
N THR B 166 25.98 4.53 5.90
CA THR B 166 26.13 5.76 6.65
C THR B 166 27.46 6.39 6.27
N VAL B 167 27.44 7.71 6.05
CA VAL B 167 28.63 8.44 5.61
C VAL B 167 28.86 9.60 6.57
N SER B 168 30.10 9.72 7.05
CA SER B 168 30.54 10.85 7.85
C SER B 168 31.82 11.41 7.24
N TRP B 169 32.19 12.60 7.67
CA TRP B 169 33.36 13.29 7.17
C TRP B 169 34.29 13.64 8.32
N ASN B 170 35.54 13.20 8.21
CA ASN B 170 36.55 13.41 9.25
C ASN B 170 36.07 12.89 10.60
N SER B 171 35.34 11.77 10.58
CA SER B 171 34.78 11.13 11.76
C SER B 171 33.87 12.11 12.53
N GLY B 172 32.81 12.53 11.84
CA GLY B 172 31.82 13.43 12.43
C GLY B 172 32.29 14.84 12.72
N ALA B 173 33.58 15.14 12.54
CA ALA B 173 34.08 16.47 12.85
C ALA B 173 33.51 17.52 11.89
N LEU B 174 33.48 17.21 10.59
CA LEU B 174 32.96 18.12 9.58
C LEU B 174 31.51 17.74 9.26
N THR B 175 30.57 18.60 9.66
CA THR B 175 29.16 18.43 9.33
C THR B 175 28.55 19.63 8.63
N SER B 176 29.18 20.80 8.70
CA SER B 176 28.65 21.98 8.04
C SER B 176 28.86 21.87 6.53
N GLY B 177 27.80 22.14 5.77
CA GLY B 177 27.91 22.11 4.32
C GLY B 177 27.95 20.73 3.70
N VAL B 178 27.57 19.70 4.46
CA VAL B 178 27.60 18.33 3.98
C VAL B 178 26.22 17.95 3.45
N HIS B 179 26.18 17.42 2.22
CA HIS B 179 24.98 16.85 1.64
C HIS B 179 25.24 15.39 1.31
N THR B 180 24.44 14.50 1.89
CA THR B 180 24.47 13.08 1.57
C THR B 180 23.16 12.74 0.87
N PHE B 181 23.25 12.30 -0.35
CA PHE B 181 22.06 12.17 -1.19
C PHE B 181 21.40 10.81 -0.99
N PRO B 182 20.09 10.72 -1.21
CA PRO B 182 19.42 9.42 -1.15
C PRO B 182 19.99 8.48 -2.20
N ALA B 183 20.05 7.21 -1.85
CA ALA B 183 20.55 6.20 -2.76
C ALA B 183 19.61 6.05 -3.96
N VAL B 184 20.19 5.73 -5.11
CA VAL B 184 19.44 5.43 -6.32
C VAL B 184 19.66 3.97 -6.68
N LEU B 185 18.61 3.34 -7.20
CA LEU B 185 18.67 1.94 -7.59
C LEU B 185 19.19 1.86 -9.02
N GLN B 186 20.40 1.35 -9.18
CA GLN B 186 20.97 1.20 -10.52
C GLN B 186 20.23 0.10 -11.28
N SER B 187 20.40 0.10 -12.60
CA SER B 187 19.75 -0.90 -13.44
C SER B 187 20.25 -2.31 -13.18
N SER B 188 21.38 -2.45 -12.48
CA SER B 188 21.90 -3.77 -12.13
C SER B 188 21.29 -4.34 -10.86
N GLY B 189 20.52 -3.54 -10.12
CA GLY B 189 19.94 -3.99 -8.86
C GLY B 189 20.71 -3.55 -7.63
N LEU B 190 21.87 -2.92 -7.78
CA LEU B 190 22.65 -2.42 -6.66
C LEU B 190 22.45 -0.91 -6.52
N TYR B 191 22.82 -0.41 -5.35
CA TYR B 191 22.58 0.99 -4.98
C TYR B 191 23.83 1.84 -5.11
N SER B 192 23.61 3.14 -5.31
CA SER B 192 24.67 4.12 -5.42
C SER B 192 24.24 5.40 -4.72
N LEU B 193 25.17 6.03 -4.02
CA LEU B 193 24.94 7.36 -3.50
C LEU B 193 26.25 8.14 -3.53
N SER B 194 26.16 9.43 -3.23
CA SER B 194 27.34 10.28 -3.15
C SER B 194 27.17 11.22 -1.97
N SER B 195 28.28 11.53 -1.32
CA SER B 195 28.31 12.51 -0.24
C SER B 195 29.29 13.61 -0.61
N VAL B 196 28.83 14.86 -0.55
CA VAL B 196 29.63 16.01 -0.95
C VAL B 196 29.66 17.03 0.16
N VAL B 197 30.67 17.89 0.11
CA VAL B 197 30.83 18.97 1.09
C VAL B 197 31.56 20.11 0.40
N THR B 198 31.11 21.33 0.69
CA THR B 198 31.74 22.55 0.21
C THR B 198 32.60 23.16 1.30
N VAL B 199 33.81 23.56 0.93
CA VAL B 199 34.80 24.11 1.86
C VAL B 199 35.42 25.34 1.19
N PRO B 200 36.21 26.16 1.89
CA PRO B 200 36.95 27.22 1.19
C PRO B 200 38.11 26.62 0.40
N SER B 201 38.27 27.09 -0.84
CA SER B 201 39.31 26.56 -1.73
C SER B 201 40.68 26.64 -1.08
N SER B 202 40.97 27.76 -0.42
CA SER B 202 42.27 27.96 0.21
C SER B 202 42.56 26.92 1.29
N SER B 203 41.54 26.23 1.79
CA SER B 203 41.72 25.22 2.82
CA SER B 203 41.72 25.22 2.82
C SER B 203 42.08 23.84 2.25
N LEU B 204 42.13 23.70 0.93
CA LEU B 204 42.37 22.39 0.35
C LEU B 204 43.80 21.92 0.59
N GLY B 205 44.77 22.84 0.55
CA GLY B 205 46.16 22.48 0.74
C GLY B 205 46.51 22.14 2.18
N THR B 206 45.93 22.88 3.12
CA THR B 206 46.20 22.69 4.54
C THR B 206 45.29 21.65 5.18
N GLN B 207 43.98 21.73 4.95
CA GLN B 207 43.03 20.84 5.59
C GLN B 207 42.96 19.51 4.85
N THR B 208 43.07 18.41 5.59
CA THR B 208 42.88 17.08 5.04
C THR B 208 41.42 16.67 5.16
N TYR B 209 40.95 15.88 4.19
CA TYR B 209 39.54 15.52 4.10
C TYR B 209 39.42 14.03 3.83
N ILE B 210 38.82 13.31 4.78
CA ILE B 210 38.62 11.87 4.68
C ILE B 210 37.13 11.59 4.88
N CYS B 211 36.58 10.69 4.07
CA CYS B 211 35.19 10.27 4.23
C CYS B 211 35.12 8.85 4.74
N ASN B 212 34.22 8.62 5.70
CA ASN B 212 34.09 7.37 6.43
C ASN B 212 32.74 6.76 6.08
N VAL B 213 32.76 5.54 5.52
CA VAL B 213 31.56 4.90 5.02
C VAL B 213 31.37 3.58 5.75
N ASN B 214 30.15 3.35 6.25
CA ASN B 214 29.81 2.15 7.00
C ASN B 214 28.61 1.49 6.36
N HIS B 215 28.75 0.22 6.00
CA HIS B 215 27.67 -0.62 5.48
C HIS B 215 27.52 -1.80 6.43
N LYS B 216 26.57 -1.69 7.35
CA LYS B 216 26.39 -2.75 8.35
C LYS B 216 25.87 -4.04 7.76
N PRO B 217 24.86 -4.06 6.84
CA PRO B 217 24.35 -5.33 6.32
C PRO B 217 25.41 -6.32 5.83
N SER B 218 26.59 -5.82 5.44
CA SER B 218 27.67 -6.69 4.97
C SER B 218 28.94 -6.54 5.80
N ASN B 219 28.89 -5.78 6.88
CA ASN B 219 30.04 -5.51 7.75
C ASN B 219 31.21 -4.96 6.91
N THR B 220 31.03 -3.71 6.48
CA THR B 220 32.05 -2.99 5.73
C THR B 220 32.26 -1.63 6.36
N LYS B 221 33.52 -1.29 6.62
CA LYS B 221 33.87 0.05 7.11
C LYS B 221 35.10 0.50 6.32
N VAL B 222 34.90 1.46 5.42
CA VAL B 222 35.96 1.95 4.56
C VAL B 222 36.21 3.41 4.86
N ASP B 223 37.48 3.81 4.87
CA ASP B 223 37.87 5.21 4.97
C ASP B 223 38.62 5.57 3.71
N LYS B 224 38.22 6.66 3.06
CA LYS B 224 38.87 7.08 1.83
C LYS B 224 39.29 8.54 1.94
N ARG B 225 40.57 8.80 1.68
CA ARG B 225 41.08 10.15 1.64
C ARG B 225 40.82 10.77 0.28
N VAL B 226 40.34 12.00 0.29
CA VAL B 226 40.03 12.74 -0.93
C VAL B 226 41.05 13.85 -1.07
N GLU B 227 41.84 13.79 -2.15
CA GLU B 227 42.92 14.73 -2.39
C GLU B 227 42.68 15.51 -3.67
N PRO B 228 43.16 16.76 -3.74
CA PRO B 228 42.92 17.58 -4.93
C PRO B 228 43.52 16.95 -6.18
N LYS B 229 43.02 17.41 -7.33
CA LYS B 229 43.40 16.87 -8.62
C LYS B 229 43.62 18.01 -9.61
N SER B 230 44.65 17.89 -10.44
CA SER B 230 44.91 18.89 -11.45
C SER B 230 43.89 18.76 -12.58
N CYS B 231 43.24 19.86 -12.92
CA CYS B 231 42.21 19.86 -13.95
C CYS B 231 42.09 21.21 -14.64
N ASP C 1 -12.34 -0.09 -8.44
CA ASP C 1 -11.46 0.60 -7.50
C ASP C 1 -11.63 2.11 -7.62
N ILE C 2 -11.87 2.78 -6.49
CA ILE C 2 -12.03 4.24 -6.50
C ILE C 2 -10.67 4.89 -6.45
N VAL C 3 -10.42 5.80 -7.39
CA VAL C 3 -9.19 6.57 -7.45
C VAL C 3 -9.37 7.83 -6.63
N MET C 4 -8.41 8.12 -5.76
CA MET C 4 -8.41 9.33 -4.95
C MET C 4 -7.29 10.21 -5.49
N THR C 5 -7.66 11.30 -6.16
CA THR C 5 -6.70 12.20 -6.78
C THR C 5 -6.50 13.40 -5.87
N GLN C 6 -5.27 13.59 -5.41
CA GLN C 6 -4.93 14.73 -4.57
C GLN C 6 -4.32 15.84 -5.42
N SER C 7 -4.55 17.08 -4.99
CA SER C 7 -4.06 18.22 -5.75
C SER C 7 -3.86 19.41 -4.82
N PRO C 8 -2.80 20.22 -5.06
CA PRO C 8 -1.80 19.86 -6.07
C PRO C 8 -0.71 18.97 -5.48
N ASP C 9 0.31 18.64 -6.27
CA ASP C 9 1.38 17.78 -5.77
C ASP C 9 2.20 18.47 -4.68
N THR C 10 2.37 19.78 -4.78
CA THR C 10 3.16 20.54 -3.81
C THR C 10 2.54 21.92 -3.60
N LEU C 11 2.47 22.32 -2.34
CA LEU C 11 2.16 23.69 -1.94
C LEU C 11 3.39 24.28 -1.26
N SER C 12 3.77 25.49 -1.63
CA SER C 12 4.93 26.17 -1.06
C SER C 12 4.41 27.34 -0.23
N LEU C 13 4.52 27.23 1.09
CA LEU C 13 3.96 28.21 2.00
C LEU C 13 4.96 28.50 3.11
N SER C 14 4.68 29.54 3.87
CA SER C 14 5.49 29.92 5.02
C SER C 14 4.69 29.74 6.30
N PRO C 15 5.36 29.69 7.46
CA PRO C 15 4.62 29.59 8.72
C PRO C 15 3.64 30.74 8.91
N GLY C 16 2.48 30.41 9.47
CA GLY C 16 1.44 31.40 9.70
C GLY C 16 0.40 31.48 8.60
N GLU C 17 0.66 30.92 7.42
CA GLU C 17 -0.30 30.95 6.33
C GLU C 17 -1.25 29.76 6.44
N THR C 18 -2.11 29.59 5.44
CA THR C 18 -3.15 28.57 5.44
C THR C 18 -2.96 27.64 4.26
N ALA C 19 -2.95 26.34 4.54
CA ALA C 19 -2.80 25.33 3.50
C ALA C 19 -4.16 24.71 3.20
N THR C 20 -4.49 24.65 1.90
CA THR C 20 -5.75 24.07 1.43
C THR C 20 -5.42 22.94 0.47
N LEU C 21 -5.69 21.71 0.87
CA LEU C 21 -5.32 20.51 0.12
C LEU C 21 -6.59 19.83 -0.35
N SER C 22 -6.65 19.50 -1.64
CA SER C 22 -7.87 18.98 -2.24
C SER C 22 -7.72 17.50 -2.55
N CYS C 23 -8.81 16.76 -2.38
CA CYS C 23 -8.85 15.34 -2.73
C CYS C 23 -10.19 15.07 -3.40
N ARG C 24 -10.15 14.38 -4.53
CA ARG C 24 -11.35 14.10 -5.32
C ARG C 24 -11.45 12.60 -5.61
N ALA C 25 -12.66 12.07 -5.48
CA ALA C 25 -12.90 10.65 -5.65
C ALA C 25 -13.58 10.39 -7.00
N SER C 26 -13.25 9.24 -7.59
CA SER C 26 -13.82 8.88 -8.89
C SER C 26 -15.30 8.51 -8.80
N GLN C 27 -15.80 8.19 -7.60
CA GLN C 27 -17.23 8.05 -7.36
C GLN C 27 -17.49 8.41 -5.91
N SER C 28 -18.77 8.52 -5.55
CA SER C 28 -19.15 9.00 -4.24
C SER C 28 -18.69 8.03 -3.15
N VAL C 29 -18.20 8.60 -2.06
CA VAL C 29 -17.79 7.83 -0.89
C VAL C 29 -18.45 8.41 0.36
N SER C 30 -19.50 9.22 0.14
CA SER C 30 -20.26 9.88 1.21
C SER C 30 -19.27 10.69 2.04
N SER C 31 -19.24 10.53 3.37
CA SER C 31 -18.32 11.25 4.23
C SER C 31 -17.20 10.34 4.74
N TYR C 32 -16.98 9.20 4.08
CA TYR C 32 -16.06 8.18 4.59
C TYR C 32 -14.66 8.43 4.02
N VAL C 33 -14.08 9.54 4.47
CA VAL C 33 -12.75 9.97 4.03
C VAL C 33 -11.94 10.37 5.26
N ALA C 34 -10.65 10.04 5.22
CA ALA C 34 -9.71 10.36 6.28
C ALA C 34 -8.49 11.06 5.70
N TRP C 35 -7.79 11.78 6.57
CA TRP C 35 -6.57 12.49 6.24
C TRP C 35 -5.48 12.12 7.24
N TYR C 36 -4.30 11.79 6.71
CA TYR C 36 -3.12 11.40 7.47
C TYR C 36 -1.96 12.32 7.17
N GLN C 37 -1.12 12.53 8.17
CA GLN C 37 0.17 13.19 8.02
C GLN C 37 1.29 12.15 8.09
N GLN C 38 2.26 12.27 7.18
CA GLN C 38 3.46 11.45 7.23
C GLN C 38 4.69 12.35 7.12
N LYS C 39 5.65 12.12 8.02
CA LYS C 39 7.00 12.65 8.12
C LYS C 39 8.00 11.58 7.71
N PRO C 40 9.19 11.97 7.25
CA PRO C 40 10.14 10.97 6.74
C PRO C 40 10.52 9.94 7.80
N GLU C 41 10.47 8.67 7.40
CA GLU C 41 10.88 7.53 8.23
C GLU C 41 9.96 7.32 9.43
N GLN C 42 8.69 7.68 9.28
CA GLN C 42 7.68 7.42 10.30
C GLN C 42 6.42 6.87 9.64
N PRO C 43 5.62 6.10 10.38
CA PRO C 43 4.30 5.70 9.88
C PRO C 43 3.40 6.91 9.78
N PRO C 44 2.34 6.84 8.96
CA PRO C 44 1.38 7.94 8.90
C PRO C 44 0.67 8.13 10.24
N ARG C 45 0.22 9.35 10.49
CA ARG C 45 -0.55 9.69 11.67
C ARG C 45 -1.92 10.17 11.25
N LEU C 46 -2.95 9.59 11.83
CA LEU C 46 -4.31 9.97 11.51
C LEU C 46 -4.61 11.37 12.02
N LEU C 47 -5.09 12.23 11.14
CA LEU C 47 -5.50 13.58 11.51
C LEU C 47 -7.01 13.73 11.52
N ILE C 48 -7.69 13.27 10.47
CA ILE C 48 -9.12 13.52 10.32
C ILE C 48 -9.81 12.26 9.84
N TYR C 49 -10.99 11.97 10.38
CA TYR C 49 -11.82 10.89 9.88
C TYR C 49 -13.24 11.39 9.74
N GLY C 50 -14.05 10.63 9.01
CA GLY C 50 -15.42 11.05 8.75
C GLY C 50 -15.51 12.37 8.02
N SER C 51 -14.50 12.68 7.19
CA SER C 51 -14.40 13.91 6.40
C SER C 51 -14.13 15.14 7.26
N SER C 52 -14.79 15.25 8.42
CA SER C 52 -14.70 16.47 9.22
C SER C 52 -14.38 16.26 10.68
N SER C 53 -14.34 15.03 11.18
CA SER C 53 -14.11 14.77 12.60
C SER C 53 -12.63 14.67 12.89
N ARG C 54 -12.17 15.41 13.90
CA ARG C 54 -10.78 15.39 14.30
C ARG C 54 -10.47 14.14 15.10
N ALA C 55 -9.30 13.55 14.84
CA ALA C 55 -8.82 12.48 15.70
C ALA C 55 -8.54 13.04 17.09
N THR C 56 -8.52 12.14 18.08
CA THR C 56 -8.30 12.57 19.45
C THR C 56 -6.93 13.24 19.57
N GLY C 57 -6.93 14.48 20.03
CA GLY C 57 -5.70 15.22 20.24
C GLY C 57 -5.19 16.00 19.06
N MET C 58 -5.99 16.14 18.00
CA MET C 58 -5.56 16.97 16.89
C MET C 58 -5.77 18.44 17.22
N PRO C 59 -4.81 19.30 16.89
CA PRO C 59 -5.03 20.75 17.08
C PRO C 59 -6.17 21.23 16.18
N ASP C 60 -6.85 22.27 16.65
CA ASP C 60 -8.02 22.78 15.94
C ASP C 60 -7.67 23.53 14.66
N ARG C 61 -6.39 23.80 14.39
CA ARG C 61 -6.03 24.41 13.12
C ARG C 61 -6.13 23.42 11.96
N PHE C 62 -6.15 22.12 12.25
CA PHE C 62 -6.49 21.12 11.26
C PHE C 62 -8.02 21.01 11.18
N SER C 63 -8.56 21.12 9.98
CA SER C 63 -9.99 21.03 9.78
C SER C 63 -10.27 20.34 8.45
N GLY C 64 -11.39 19.65 8.38
CA GLY C 64 -11.73 18.89 7.20
C GLY C 64 -13.16 19.14 6.78
N SER C 65 -13.40 19.06 5.47
CA SER C 65 -14.73 19.29 4.95
C SER C 65 -14.91 18.52 3.65
N GLY C 66 -16.17 18.38 3.24
CA GLY C 66 -16.49 17.81 1.95
C GLY C 66 -17.41 16.61 2.09
N SER C 67 -17.83 16.11 0.92
CA SER C 67 -18.71 14.95 0.83
C SER C 67 -18.76 14.51 -0.62
N GLY C 68 -19.47 13.41 -0.84
CA GLY C 68 -19.61 12.83 -2.17
C GLY C 68 -18.27 12.52 -2.81
N THR C 69 -17.77 13.44 -3.62
CA THR C 69 -16.51 13.27 -4.33
C THR C 69 -15.50 14.37 -4.07
N ASP C 70 -15.84 15.40 -3.30
CA ASP C 70 -14.95 16.55 -3.12
C ASP C 70 -14.63 16.73 -1.64
N PHE C 71 -13.33 16.79 -1.31
CA PHE C 71 -12.90 16.82 0.07
C PHE C 71 -11.72 17.76 0.22
N THR C 72 -11.66 18.44 1.36
CA THR C 72 -10.65 19.46 1.60
C THR C 72 -10.09 19.33 3.01
N LEU C 73 -8.77 19.41 3.10
CA LEU C 73 -8.07 19.57 4.37
C LEU C 73 -7.50 20.97 4.46
N THR C 74 -7.81 21.67 5.54
CA THR C 74 -7.35 23.04 5.76
C THR C 74 -6.49 23.04 7.02
N ILE C 75 -5.25 23.51 6.87
CA ILE C 75 -4.35 23.69 7.99
C ILE C 75 -4.17 25.20 8.16
N SER C 76 -4.83 25.76 9.17
CA SER C 76 -4.69 27.16 9.49
C SER C 76 -3.39 27.39 10.26
N SER C 77 -2.82 28.59 10.10
CA SER C 77 -1.66 29.04 10.87
C SER C 77 -0.58 27.96 10.92
N LEU C 78 0.03 27.73 9.75
CA LEU C 78 1.01 26.67 9.61
C LEU C 78 2.16 26.87 10.59
N GLU C 79 2.49 25.82 11.31
CA GLU C 79 3.63 25.77 12.21
C GLU C 79 4.76 24.99 11.55
N PRO C 80 6.01 25.20 12.00
CA PRO C 80 7.12 24.43 11.40
C PRO C 80 6.93 22.93 11.44
N ASP C 81 6.12 22.42 12.37
CA ASP C 81 5.87 20.99 12.45
C ASP C 81 4.91 20.49 11.36
N ASP C 82 4.12 21.39 10.77
CA ASP C 82 3.08 20.96 9.82
C ASP C 82 3.60 20.75 8.41
N PHE C 83 4.87 21.02 8.15
CA PHE C 83 5.44 20.85 6.81
C PHE C 83 5.83 19.39 6.63
N ALA C 84 4.99 18.65 5.91
CA ALA C 84 5.10 17.19 5.79
C ALA C 84 4.30 16.77 4.57
N VAL C 85 4.09 15.46 4.42
CA VAL C 85 3.26 14.93 3.34
C VAL C 85 1.90 14.57 3.92
N TYR C 86 0.85 14.78 3.13
CA TYR C 86 -0.52 14.54 3.60
C TYR C 86 -1.25 13.65 2.60
N TYR C 87 -1.94 12.65 3.11
CA TYR C 87 -2.69 11.70 2.29
C TYR C 87 -4.17 11.71 2.65
N CYS C 88 -5.02 11.60 1.64
CA CYS C 88 -6.43 11.31 1.85
C CYS C 88 -6.67 9.82 1.58
N GLN C 89 -7.74 9.31 2.18
CA GLN C 89 -8.09 7.90 2.07
C GLN C 89 -9.59 7.74 2.13
N GLN C 90 -10.15 6.91 1.24
CA GLN C 90 -11.50 6.42 1.40
C GLN C 90 -11.44 5.02 2.00
N TYR C 91 -12.36 4.72 2.93
CA TYR C 91 -12.19 3.50 3.72
C TYR C 91 -13.47 2.68 3.83
N THR C 92 -14.33 2.70 2.81
CA THR C 92 -15.51 1.85 2.79
C THR C 92 -15.68 1.03 1.52
N ASN C 93 -14.97 1.35 0.46
CA ASN C 93 -15.05 0.60 -0.80
C ASN C 93 -13.78 -0.18 -1.00
N TRP C 94 -13.92 -1.49 -1.26
CA TRP C 94 -12.77 -2.38 -1.42
C TRP C 94 -12.27 -2.32 -2.85
N PRO C 95 -10.95 -2.17 -3.08
CA PRO C 95 -9.95 -2.03 -2.03
C PRO C 95 -9.87 -0.62 -1.45
N LEU C 96 -9.56 -0.50 -0.16
CA LEU C 96 -9.31 0.81 0.42
C LEU C 96 -8.18 1.50 -0.33
N THR C 97 -8.38 2.77 -0.68
CA THR C 97 -7.45 3.48 -1.54
C THR C 97 -7.02 4.79 -0.92
N PHE C 98 -5.76 5.13 -1.11
CA PHE C 98 -5.19 6.40 -0.65
C PHE C 98 -4.93 7.32 -1.83
N GLY C 99 -4.92 8.61 -1.57
CA GLY C 99 -4.47 9.56 -2.56
C GLY C 99 -2.97 9.51 -2.74
N GLY C 100 -2.51 10.12 -3.83
CA GLY C 100 -1.08 10.17 -4.11
C GLY C 100 -0.27 11.03 -3.17
N GLY C 101 -0.90 11.91 -2.40
CA GLY C 101 -0.21 12.72 -1.43
C GLY C 101 0.07 14.14 -1.94
N THR C 102 0.21 15.05 -0.98
CA THR C 102 0.56 16.45 -1.25
C THR C 102 1.61 16.89 -0.25
N LYS C 103 2.72 17.44 -0.75
CA LYS C 103 3.80 17.91 0.13
C LYS C 103 3.63 19.40 0.38
N VAL C 104 3.69 19.79 1.65
CA VAL C 104 3.65 21.19 2.04
C VAL C 104 5.10 21.59 2.35
N GLU C 105 5.70 22.34 1.44
CA GLU C 105 7.08 22.77 1.54
C GLU C 105 7.17 24.22 2.01
N ILE C 106 8.32 24.57 2.56
CA ILE C 106 8.57 25.92 3.05
C ILE C 106 8.82 26.84 1.86
N LYS C 107 8.17 27.99 1.87
CA LYS C 107 8.37 28.99 0.83
C LYS C 107 9.66 29.77 1.06
N ARG C 108 10.37 30.06 -0.03
CA ARG C 108 11.48 31.00 0.00
C ARG C 108 11.64 31.57 -1.40
N THR C 109 12.60 32.48 -1.54
CA THR C 109 12.81 33.13 -2.83
C THR C 109 13.67 32.24 -3.73
N VAL C 110 13.58 32.53 -5.04
CA VAL C 110 14.29 31.74 -6.03
C VAL C 110 15.80 31.87 -5.80
N ALA C 111 16.49 30.73 -5.88
CA ALA C 111 17.93 30.69 -5.70
C ALA C 111 18.55 29.79 -6.76
N ALA C 112 19.55 30.32 -7.46
CA ALA C 112 20.23 29.57 -8.50
C ALA C 112 21.25 28.61 -7.90
N PRO C 113 21.44 27.45 -8.51
CA PRO C 113 22.38 26.47 -7.96
C PRO C 113 23.82 26.83 -8.29
N SER C 114 24.72 26.37 -7.42
CA SER C 114 26.14 26.34 -7.75
C SER C 114 26.45 25.00 -8.41
N VAL C 115 27.13 25.03 -9.55
CA VAL C 115 27.33 23.85 -10.38
C VAL C 115 28.78 23.40 -10.30
N PHE C 116 29.00 22.11 -10.03
CA PHE C 116 30.33 21.53 -9.95
C PHE C 116 30.32 20.22 -10.73
N ILE C 117 31.50 19.81 -11.21
CA ILE C 117 31.62 18.57 -11.96
C ILE C 117 32.88 17.83 -11.51
N PHE C 118 32.77 16.50 -11.42
CA PHE C 118 33.83 15.64 -10.94
C PHE C 118 34.09 14.55 -11.98
N PRO C 119 35.32 14.42 -12.45
CA PRO C 119 35.69 13.33 -13.34
C PRO C 119 35.81 12.02 -12.58
N PRO C 120 35.82 10.88 -13.26
CA PRO C 120 35.96 9.60 -12.56
C PRO C 120 37.34 9.47 -11.93
N SER C 121 37.39 8.78 -10.80
CA SER C 121 38.64 8.50 -10.14
C SER C 121 39.44 7.45 -10.93
N ASP C 122 40.74 7.40 -10.65
CA ASP C 122 41.59 6.44 -11.35
C ASP C 122 41.38 5.02 -10.84
N GLU C 123 41.09 4.86 -9.54
CA GLU C 123 40.81 3.53 -9.02
C GLU C 123 39.57 2.94 -9.66
N GLN C 124 38.52 3.75 -9.85
CA GLN C 124 37.34 3.25 -10.54
C GLN C 124 37.64 2.92 -11.99
N LEU C 125 38.47 3.74 -12.65
CA LEU C 125 38.83 3.46 -14.03
C LEU C 125 39.54 2.12 -14.15
N LYS C 126 40.45 1.82 -13.21
CA LYS C 126 41.14 0.54 -13.27
C LYS C 126 40.20 -0.63 -13.04
N SER C 127 39.00 -0.38 -12.50
CA SER C 127 38.01 -1.42 -12.28
C SER C 127 37.06 -1.61 -13.46
N GLY C 128 37.15 -0.78 -14.49
CA GLY C 128 36.41 -1.00 -15.72
C GLY C 128 35.20 -0.13 -15.96
N THR C 129 34.86 0.77 -15.03
CA THR C 129 33.72 1.67 -15.18
C THR C 129 34.17 3.09 -14.93
N ALA C 130 33.30 4.05 -15.26
CA ALA C 130 33.61 5.47 -15.11
C ALA C 130 32.34 6.22 -14.76
N SER C 131 32.37 6.95 -13.65
CA SER C 131 31.23 7.74 -13.19
C SER C 131 31.63 9.20 -13.19
N VAL C 132 30.94 10.00 -14.01
CA VAL C 132 31.11 11.45 -14.02
C VAL C 132 29.96 12.06 -13.23
N VAL C 133 30.27 12.93 -12.27
CA VAL C 133 29.26 13.40 -11.32
C VAL C 133 29.10 14.91 -11.46
N CYS C 134 27.86 15.36 -11.66
CA CYS C 134 27.51 16.77 -11.68
C CYS C 134 26.72 17.09 -10.42
N LEU C 135 27.06 18.18 -9.76
CA LEU C 135 26.46 18.56 -8.48
C LEU C 135 25.86 19.96 -8.60
N LEU C 136 24.59 20.08 -8.19
CA LEU C 136 23.88 21.35 -8.11
C LEU C 136 23.61 21.63 -6.64
N ASN C 137 24.15 22.73 -6.13
CA ASN C 137 24.14 23.01 -4.70
C ASN C 137 23.27 24.22 -4.39
N ASN C 138 22.33 24.01 -3.44
CA ASN C 138 21.63 25.09 -2.74
C ASN C 138 20.82 25.97 -3.70
N PHE C 139 19.85 25.34 -4.35
CA PHE C 139 18.97 26.04 -5.27
C PHE C 139 17.52 25.90 -4.78
N TYR C 140 16.65 26.71 -5.38
CA TYR C 140 15.22 26.72 -5.10
C TYR C 140 14.51 27.41 -6.25
N PRO C 141 13.37 26.90 -6.73
CA PRO C 141 12.70 25.69 -6.24
C PRO C 141 13.31 24.38 -6.78
N ARG C 142 12.63 23.26 -6.49
CA ARG C 142 13.22 21.95 -6.78
C ARG C 142 13.39 21.71 -8.27
N GLU C 143 12.54 22.31 -9.11
CA GLU C 143 12.60 22.07 -10.55
C GLU C 143 13.95 22.47 -11.11
N ALA C 144 14.64 21.51 -11.73
CA ALA C 144 15.96 21.75 -12.27
C ALA C 144 16.23 20.73 -13.37
N LYS C 145 16.92 21.17 -14.42
CA LYS C 145 17.25 20.30 -15.54
C LYS C 145 18.76 20.19 -15.66
N VAL C 146 19.25 18.94 -15.69
CA VAL C 146 20.65 18.63 -15.95
C VAL C 146 20.71 17.85 -17.25
N GLN C 147 21.54 18.31 -18.18
CA GLN C 147 21.70 17.65 -19.47
C GLN C 147 23.18 17.32 -19.67
N TRP C 148 23.48 16.05 -19.85
CA TRP C 148 24.85 15.63 -20.11
C TRP C 148 25.18 15.74 -21.59
N LYS C 149 26.38 16.23 -21.87
CA LYS C 149 26.90 16.35 -23.23
C LYS C 149 28.24 15.64 -23.30
N VAL C 150 28.40 14.75 -24.27
CA VAL C 150 29.65 14.05 -24.52
C VAL C 150 30.07 14.36 -25.95
N ASP C 151 31.19 15.06 -26.10
CA ASP C 151 31.64 15.58 -27.41
C ASP C 151 30.50 16.31 -28.11
N ASN C 152 29.74 17.09 -27.32
CA ASN C 152 28.59 17.88 -27.73
C ASN C 152 27.38 17.03 -28.12
N ALA C 153 27.42 15.72 -27.93
CA ALA C 153 26.26 14.87 -28.15
C ALA C 153 25.44 14.80 -26.88
N LEU C 154 24.14 15.05 -27.01
CA LEU C 154 23.23 15.06 -25.86
C LEU C 154 22.97 13.63 -25.42
N GLN C 155 23.29 13.31 -24.17
CA GLN C 155 23.09 11.98 -23.63
C GLN C 155 21.78 11.86 -22.87
N SER C 156 21.12 10.73 -23.02
CA SER C 156 19.95 10.38 -22.23
C SER C 156 19.88 8.87 -22.10
N GLY C 157 19.55 8.40 -20.91
CA GLY C 157 19.39 6.98 -20.64
C GLY C 157 20.51 6.36 -19.86
N ASN C 158 21.62 7.06 -19.63
CA ASN C 158 22.74 6.52 -18.87
C ASN C 158 23.11 7.43 -17.71
N SER C 159 22.14 8.18 -17.19
CA SER C 159 22.38 9.05 -16.05
C SER C 159 21.23 8.90 -15.06
N GLN C 160 21.55 9.15 -13.79
CA GLN C 160 20.57 9.08 -12.72
C GLN C 160 20.70 10.29 -11.80
N GLU C 161 19.56 10.82 -11.39
CA GLU C 161 19.49 12.00 -10.52
C GLU C 161 19.05 11.60 -9.11
N SER C 162 19.51 12.38 -8.14
CA SER C 162 19.12 12.19 -6.75
C SER C 162 19.11 13.55 -6.06
N VAL C 163 17.99 13.90 -5.44
CA VAL C 163 17.79 15.24 -4.88
C VAL C 163 17.55 15.09 -3.38
N THR C 164 18.21 15.96 -2.59
CA THR C 164 18.00 15.99 -1.15
C THR C 164 16.63 16.56 -0.82
N GLU C 165 16.27 16.48 0.45
CA GLU C 165 15.08 17.15 0.94
C GLU C 165 15.42 18.58 1.33
N GLN C 166 14.39 19.35 1.64
CA GLN C 166 14.57 20.77 1.92
C GLN C 166 15.50 20.97 3.11
N ASP C 167 16.56 21.74 2.90
CA ASP C 167 17.55 21.99 3.95
C ASP C 167 16.89 22.72 5.13
N SER C 168 17.28 22.33 6.34
CA SER C 168 16.60 22.83 7.53
C SER C 168 16.89 24.29 7.81
N LYS C 169 17.96 24.84 7.24
CA LYS C 169 18.37 26.22 7.54
C LYS C 169 17.97 27.21 6.44
N ASP C 170 18.38 26.96 5.20
CA ASP C 170 18.10 27.87 4.10
C ASP C 170 16.97 27.42 3.20
N SER C 171 16.34 26.28 3.49
CA SER C 171 15.17 25.78 2.75
C SER C 171 15.49 25.55 1.27
N THR C 172 16.74 25.25 0.95
CA THR C 172 17.15 24.98 -0.42
C THR C 172 17.24 23.49 -0.67
N TYR C 173 17.44 23.14 -1.93
CA TYR C 173 17.63 21.76 -2.36
C TYR C 173 19.02 21.59 -2.96
N SER C 174 19.48 20.34 -2.96
CA SER C 174 20.70 19.96 -3.64
C SER C 174 20.44 18.73 -4.48
N LEU C 175 21.17 18.60 -5.58
CA LEU C 175 20.93 17.54 -6.54
C LEU C 175 22.26 17.02 -7.06
N SER C 176 22.30 15.71 -7.35
N SER C 176 22.30 15.72 -7.33
CA SER C 176 23.47 15.07 -7.92
CA SER C 176 23.44 15.07 -7.93
C SER C 176 23.05 14.20 -9.10
C SER C 176 22.97 14.29 -9.15
N SER C 177 23.77 14.33 -10.22
CA SER C 177 23.48 13.60 -11.44
C SER C 177 24.71 12.81 -11.82
N THR C 178 24.57 11.50 -11.94
CA THR C 178 25.69 10.61 -12.25
C THR C 178 25.52 10.05 -13.65
N LEU C 179 26.54 10.21 -14.48
CA LEU C 179 26.63 9.60 -15.80
C LEU C 179 27.61 8.44 -15.71
N THR C 180 27.12 7.23 -16.00
CA THR C 180 27.90 6.01 -15.85
C THR C 180 28.19 5.42 -17.22
N LEU C 181 29.48 5.16 -17.49
CA LEU C 181 29.91 4.52 -18.73
C LEU C 181 30.88 3.40 -18.38
N SER C 182 31.11 2.54 -19.36
CA SER C 182 32.22 1.61 -19.27
C SER C 182 33.53 2.33 -19.53
N LYS C 183 34.64 1.66 -19.20
CA LYS C 183 35.94 2.26 -19.40
C LYS C 183 36.17 2.58 -20.87
N ALA C 184 35.92 1.60 -21.75
CA ALA C 184 36.13 1.79 -23.18
C ALA C 184 35.30 2.96 -23.71
N ASP C 185 34.00 2.98 -23.42
CA ASP C 185 33.16 4.07 -23.87
C ASP C 185 33.66 5.41 -23.34
N TYR C 186 34.14 5.44 -22.11
CA TYR C 186 34.68 6.67 -21.55
C TYR C 186 35.90 7.15 -22.33
N GLU C 187 36.79 6.23 -22.71
CA GLU C 187 37.97 6.61 -23.48
C GLU C 187 37.69 6.84 -24.96
N LYS C 188 36.49 6.54 -25.45
CA LYS C 188 36.17 6.92 -26.83
C LYS C 188 35.93 8.42 -27.02
N HIS C 189 35.86 9.21 -25.94
CA HIS C 189 35.41 10.59 -26.05
C HIS C 189 36.32 11.51 -25.27
N LYS C 190 36.26 12.80 -25.61
CA LYS C 190 37.16 13.81 -25.05
C LYS C 190 36.46 14.73 -24.05
N VAL C 191 35.43 15.44 -24.49
CA VAL C 191 34.81 16.51 -23.70
C VAL C 191 33.58 15.97 -23.00
N TYR C 192 33.51 16.20 -21.68
CA TYR C 192 32.36 15.81 -20.87
C TYR C 192 31.81 17.06 -20.18
N ALA C 193 30.54 17.34 -20.40
CA ALA C 193 29.93 18.55 -19.85
C ALA C 193 28.58 18.22 -19.24
N CYS C 194 28.22 18.95 -18.19
CA CYS C 194 26.84 18.99 -17.72
C CYS C 194 26.34 20.42 -17.83
N GLU C 195 25.20 20.58 -18.48
CA GLU C 195 24.57 21.86 -18.75
C GLU C 195 23.31 21.94 -17.90
N VAL C 196 23.21 22.98 -17.09
CA VAL C 196 22.18 23.09 -16.06
C VAL C 196 21.27 24.25 -16.43
N THR C 197 19.96 23.98 -16.49
CA THR C 197 18.97 25.02 -16.60
C THR C 197 18.10 25.03 -15.36
N HIS C 198 17.78 26.22 -14.88
CA HIS C 198 17.04 26.43 -13.64
C HIS C 198 16.46 27.83 -13.71
N GLN C 199 15.23 27.99 -13.22
CA GLN C 199 14.55 29.27 -13.35
C GLN C 199 15.29 30.40 -12.64
N GLY C 200 16.25 30.09 -11.78
CA GLY C 200 17.08 31.11 -11.19
C GLY C 200 18.29 31.49 -12.01
N LEU C 201 18.48 30.88 -13.17
CA LEU C 201 19.59 31.19 -14.05
C LEU C 201 19.09 31.89 -15.30
N SER C 202 19.81 32.93 -15.72
CA SER C 202 19.43 33.66 -16.92
C SER C 202 19.59 32.80 -18.17
N SER C 203 20.66 32.02 -18.23
CA SER C 203 20.99 31.16 -19.37
C SER C 203 21.57 29.87 -18.83
N PRO C 204 21.61 28.81 -19.64
CA PRO C 204 22.17 27.55 -19.16
C PRO C 204 23.62 27.69 -18.73
N VAL C 205 23.98 26.97 -17.67
CA VAL C 205 25.33 26.99 -17.11
C VAL C 205 26.00 25.66 -17.45
N THR C 206 27.09 25.71 -18.20
CA THR C 206 27.78 24.51 -18.63
C THR C 206 29.11 24.39 -17.89
N LYS C 207 29.35 23.24 -17.27
CA LYS C 207 30.65 22.89 -16.73
C LYS C 207 31.16 21.64 -17.42
N SER C 208 32.38 21.71 -17.95
CA SER C 208 32.93 20.65 -18.79
C SER C 208 34.39 20.41 -18.41
N PHE C 209 34.89 19.25 -18.84
CA PHE C 209 36.32 18.95 -18.73
C PHE C 209 36.74 18.07 -19.89
N ASN C 210 38.04 18.08 -20.16
CA ASN C 210 38.64 17.23 -21.18
C ASN C 210 39.25 15.99 -20.52
N ARG C 211 38.86 14.81 -20.99
CA ARG C 211 39.44 13.58 -20.48
C ARG C 211 40.91 13.51 -20.87
N GLY C 212 41.73 12.99 -19.97
CA GLY C 212 43.17 12.93 -20.18
C GLY C 212 43.91 14.15 -19.69
N GLU C 213 43.33 15.34 -19.84
CA GLU C 213 43.79 16.50 -19.10
C GLU C 213 43.41 16.41 -17.62
N CYS C 214 42.59 15.44 -17.24
CA CYS C 214 42.18 15.24 -15.86
C CYS C 214 42.25 13.76 -15.49
#